data_6TMY
#
_entry.id   6TMY
#
_cell.length_a   149.626
_cell.length_b   75.592
_cell.length_c   109.012
_cell.angle_alpha   90.000
_cell.angle_beta   121.850
_cell.angle_gamma   90.000
#
_symmetry.space_group_name_H-M   'C 1 2 1'
#
loop_
_entity.id
_entity.type
_entity.pdbx_description
1 polymer 'Phospholipase A2 crotoxin basic subunit CBc'
2 non-polymer 'SODIUM ION'
3 non-polymer 'TETRAETHYLENE GLYCOL'
4 non-polymer 'CHLORIDE ION'
5 water water
#
_entity_poly.entity_id   1
_entity_poly.type   'polypeptide(L)'
_entity_poly.pdbx_seq_one_letter_code
;HLLQFNKMIKFETRKNAIPFYAFYGCYCGWGGRGRPKDATDRCCFVHDCCYGKLAKCNTKWDIYRYSLKSGYITCGKGTW
CEEQICECDRVAAECLRRSLSTYKYGYMFYPDSRCRGPSETC
;
_entity_poly.pdbx_strand_id   A,B,C,D,E,F
#
# COMPACT_ATOMS: atom_id res chain seq x y z
N HIS A 1 0.88 2.46 24.49
CA HIS A 1 0.60 3.57 25.39
C HIS A 1 -0.90 3.60 25.67
N LEU A 2 -1.29 3.90 26.95
CA LEU A 2 -2.71 3.86 27.30
CA LEU A 2 -2.70 3.93 27.36
C LEU A 2 -3.61 4.77 26.43
N LEU A 3 -3.10 5.89 25.88
CA LEU A 3 -3.93 6.72 24.99
C LEU A 3 -4.22 6.01 23.66
N GLN A 4 -3.30 5.13 23.21
CA GLN A 4 -3.47 4.35 21.97
C GLN A 4 -4.51 3.28 22.25
N PHE A 5 -4.46 2.65 23.44
CA PHE A 5 -5.46 1.65 23.80
C PHE A 5 -6.85 2.30 23.85
N ASN A 6 -6.94 3.54 24.42
CA ASN A 6 -8.23 4.24 24.46
C ASN A 6 -8.75 4.55 23.04
N LYS A 7 -7.84 4.87 22.09
CA LYS A 7 -8.23 5.10 20.69
C LYS A 7 -8.78 3.80 20.08
N MET A 8 -8.14 2.64 20.37
CA MET A 8 -8.60 1.34 19.85
C MET A 8 -9.99 1.04 20.41
N ILE A 9 -10.21 1.30 21.73
CA ILE A 9 -11.52 1.05 22.34
C ILE A 9 -12.59 1.89 21.62
N LYS A 10 -12.30 3.18 21.40
CA LYS A 10 -13.26 4.10 20.74
C LYS A 10 -13.50 3.64 19.28
N PHE A 11 -12.44 3.26 18.57
CA PHE A 11 -12.55 2.75 17.17
C PHE A 11 -13.44 1.50 17.10
N GLU A 12 -13.26 0.57 18.02
CA GLU A 12 -14.01 -0.69 18.01
C GLU A 12 -15.46 -0.59 18.53
N THR A 13 -15.65 0.11 19.66
CA THR A 13 -16.95 0.16 20.33
C THR A 13 -17.79 1.39 20.03
N ARG A 14 -17.17 2.47 19.55
CA ARG A 14 -17.79 3.79 19.36
C ARG A 14 -18.03 4.47 20.73
N LYS A 15 -17.50 3.88 21.83
CA LYS A 15 -17.66 4.47 23.15
C LYS A 15 -16.33 4.99 23.63
N ASN A 16 -16.34 6.13 24.34
CA ASN A 16 -15.13 6.63 24.97
C ASN A 16 -14.86 5.74 26.21
N ALA A 17 -13.58 5.36 26.42
CA ALA A 17 -13.17 4.56 27.56
C ALA A 17 -13.66 5.20 28.90
N ILE A 18 -13.61 6.54 29.01
CA ILE A 18 -14.17 7.28 30.13
C ILE A 18 -15.45 7.90 29.57
N PRO A 19 -16.64 7.53 30.06
CA PRO A 19 -16.92 6.74 31.27
C PRO A 19 -17.23 5.25 31.08
N PHE A 20 -17.38 4.80 29.82
CA PHE A 20 -17.97 3.49 29.54
C PHE A 20 -17.17 2.26 29.94
N TYR A 21 -15.83 2.34 29.97
CA TYR A 21 -15.09 1.14 30.34
C TYR A 21 -14.14 1.32 31.51
N ALA A 22 -13.86 2.56 31.93
CA ALA A 22 -12.87 2.82 33.00
C ALA A 22 -13.24 2.27 34.39
N PHE A 23 -14.54 2.06 34.66
CA PHE A 23 -14.99 1.62 36.00
C PHE A 23 -15.96 0.45 35.93
N TYR A 24 -16.04 -0.17 34.75
CA TYR A 24 -16.99 -1.25 34.49
C TYR A 24 -16.67 -2.56 35.22
N GLY A 25 -17.67 -3.12 35.88
CA GLY A 25 -17.56 -4.41 36.58
C GLY A 25 -16.43 -4.50 37.57
N CYS A 26 -15.79 -5.67 37.66
CA CYS A 26 -14.70 -5.88 38.61
C CYS A 26 -13.30 -5.63 38.06
N TYR A 27 -13.13 -5.70 36.72
CA TYR A 27 -11.80 -5.59 36.12
C TYR A 27 -11.58 -4.46 35.15
N CYS A 28 -12.62 -3.77 34.64
CA CYS A 28 -12.31 -2.74 33.65
C CYS A 28 -11.64 -1.54 34.26
N GLY A 29 -10.63 -1.00 33.58
CA GLY A 29 -9.86 0.13 34.11
C GLY A 29 -8.69 -0.36 34.94
N TRP A 30 -8.14 0.48 35.79
CA TRP A 30 -6.96 0.09 36.56
C TRP A 30 -7.26 -0.84 37.70
N GLY A 31 -6.46 -1.88 37.84
CA GLY A 31 -6.65 -2.86 38.91
C GLY A 31 -7.87 -3.74 38.69
N GLY A 32 -8.22 -4.47 39.72
CA GLY A 32 -9.34 -5.40 39.66
C GLY A 32 -9.14 -6.57 40.58
N ARG A 33 -10.24 -7.15 41.03
CA ARG A 33 -10.25 -8.28 41.96
C ARG A 33 -11.56 -9.02 41.81
N GLY A 34 -11.61 -10.22 42.40
CA GLY A 34 -12.80 -11.06 42.38
C GLY A 34 -13.01 -11.76 41.07
N ARG A 35 -14.28 -11.95 40.72
CA ARG A 35 -14.68 -12.66 39.51
C ARG A 35 -15.24 -11.72 38.44
N PRO A 36 -14.82 -11.83 37.15
CA PRO A 36 -15.43 -11.03 36.07
C PRO A 36 -16.94 -11.25 36.05
N LYS A 37 -17.70 -10.16 35.96
CA LYS A 37 -19.16 -10.20 36.04
C LYS A 37 -19.87 -10.65 34.76
N ASP A 38 -19.30 -10.41 33.58
CA ASP A 38 -19.92 -10.71 32.29
C ASP A 38 -18.85 -10.73 31.19
N ALA A 39 -19.28 -10.77 29.89
CA ALA A 39 -18.34 -10.85 28.74
C ALA A 39 -17.41 -9.59 28.69
N THR A 40 -17.98 -8.40 28.83
CA THR A 40 -17.23 -7.13 28.81
C THR A 40 -16.17 -7.16 29.90
N ASP A 41 -16.56 -7.51 31.11
CA ASP A 41 -15.65 -7.58 32.28
C ASP A 41 -14.55 -8.61 32.04
N ARG A 42 -14.89 -9.73 31.38
CA ARG A 42 -13.92 -10.76 31.09
C ARG A 42 -12.85 -10.26 30.07
N CYS A 43 -13.23 -9.39 29.11
CA CYS A 43 -12.25 -8.76 28.17
C CYS A 43 -11.19 -8.02 29.00
N CYS A 44 -11.65 -7.24 29.97
CA CYS A 44 -10.78 -6.42 30.84
C CYS A 44 -9.91 -7.30 31.75
N PHE A 45 -10.47 -8.39 32.27
CA PHE A 45 -9.73 -9.37 33.08
C PHE A 45 -8.57 -9.94 32.25
N VAL A 46 -8.86 -10.40 31.02
CA VAL A 46 -7.85 -10.94 30.12
C VAL A 46 -6.77 -9.87 29.83
N HIS A 47 -7.21 -8.61 29.57
CA HIS A 47 -6.27 -7.51 29.32
C HIS A 47 -5.30 -7.29 30.51
N ASP A 48 -5.84 -7.28 31.73
CA ASP A 48 -5.03 -7.12 32.95
C ASP A 48 -3.98 -8.25 33.05
N CYS A 49 -4.41 -9.51 32.76
CA CYS A 49 -3.55 -10.71 32.78
C CYS A 49 -2.47 -10.57 31.72
N CYS A 50 -2.85 -10.13 30.51
CA CYS A 50 -1.97 -9.92 29.35
C CYS A 50 -0.86 -8.95 29.75
N TYR A 51 -1.22 -7.79 30.35
CA TYR A 51 -0.24 -6.78 30.83
C TYR A 51 0.63 -7.34 31.96
N GLY A 52 0.03 -8.10 32.87
CA GLY A 52 0.78 -8.72 33.98
C GLY A 52 1.94 -9.57 33.50
N LYS A 53 1.77 -10.31 32.38
CA LYS A 53 2.82 -11.17 31.79
C LYS A 53 3.95 -10.35 31.16
N LEU A 54 3.73 -9.02 30.99
CA LEU A 54 4.69 -8.10 30.39
C LEU A 54 5.36 -7.20 31.43
N ALA A 55 5.75 -7.76 32.60
CA ALA A 55 6.41 -7.00 33.69
C ALA A 55 7.71 -6.31 33.25
N LYS A 56 8.43 -6.87 32.25
CA LYS A 56 9.67 -6.25 31.76
C LYS A 56 9.42 -5.11 30.72
N CYS A 57 8.14 -4.88 30.35
CA CYS A 57 7.72 -3.85 29.38
C CYS A 57 7.08 -2.66 30.09
N ASN A 58 7.12 -1.50 29.45
CA ASN A 58 6.50 -0.30 29.99
C ASN A 58 5.10 -0.23 29.34
N THR A 59 4.19 -1.08 29.85
CA THR A 59 2.83 -1.26 29.29
C THR A 59 1.99 0.02 29.22
N LYS A 60 2.17 0.94 30.19
CA LYS A 60 1.39 2.17 30.21
C LYS A 60 1.83 3.26 29.22
N TRP A 61 3.13 3.39 28.92
CA TRP A 61 3.58 4.52 28.07
C TRP A 61 4.42 4.16 26.85
N ASP A 62 4.79 2.87 26.65
CA ASP A 62 5.58 2.56 25.47
C ASP A 62 4.65 2.78 24.23
N ILE A 63 5.07 3.65 23.32
CA ILE A 63 4.25 3.99 22.15
C ILE A 63 4.62 3.00 21.01
N TYR A 64 3.68 2.08 20.73
CA TYR A 64 3.86 1.09 19.66
C TYR A 64 3.29 1.62 18.33
N ARG A 65 3.61 0.89 17.22
CA ARG A 65 3.04 1.26 15.94
C ARG A 65 1.88 0.34 15.62
N TYR A 66 0.79 0.96 15.14
CA TYR A 66 -0.38 0.20 14.70
C TYR A 66 -1.01 0.95 13.54
N SER A 67 -1.87 0.26 12.80
CA SER A 67 -2.54 0.87 11.67
C SER A 67 -4.02 0.51 11.65
N LEU A 68 -4.83 1.40 11.06
CA LEU A 68 -6.27 1.20 10.79
C LEU A 68 -6.53 1.11 9.27
N LYS A 69 -5.44 1.14 8.46
CA LYS A 69 -5.46 1.15 6.99
C LYS A 69 -6.41 0.14 6.36
N SER A 70 -6.47 -1.09 6.89
CA SER A 70 -7.33 -2.16 6.38
C SER A 70 -8.77 -2.13 6.90
N GLY A 71 -9.11 -1.14 7.72
CA GLY A 71 -10.45 -1.08 8.31
C GLY A 71 -10.58 -1.95 9.54
N TYR A 72 -9.44 -2.38 10.09
CA TYR A 72 -9.34 -3.08 11.35
C TYR A 72 -7.94 -2.79 11.91
N ILE A 73 -7.74 -3.06 13.20
CA ILE A 73 -6.45 -2.77 13.84
C ILE A 73 -5.43 -3.82 13.46
N THR A 74 -4.26 -3.38 12.98
CA THR A 74 -3.12 -4.27 12.69
C THR A 74 -1.94 -3.72 13.48
N CYS A 75 -1.29 -4.60 14.24
CA CYS A 75 -0.12 -4.19 15.01
C CYS A 75 1.09 -4.19 14.10
N GLY A 76 1.91 -3.14 14.17
CA GLY A 76 3.13 -3.04 13.39
C GLY A 76 4.22 -3.94 13.95
N LYS A 77 5.24 -4.25 13.13
CA LYS A 77 6.41 -5.02 13.60
C LYS A 77 7.32 -4.05 14.34
N GLY A 78 7.91 -4.51 15.44
CA GLY A 78 8.77 -3.65 16.24
C GLY A 78 9.50 -4.44 17.29
N THR A 79 9.77 -3.81 18.44
CA THR A 79 10.41 -4.51 19.57
C THR A 79 9.41 -5.54 20.10
N TRP A 80 9.92 -6.55 20.81
CA TRP A 80 9.09 -7.56 21.44
C TRP A 80 8.05 -6.88 22.35
N CYS A 81 8.46 -5.89 23.16
CA CYS A 81 7.55 -5.17 24.05
C CYS A 81 6.46 -4.41 23.29
N GLU A 82 6.81 -3.66 22.23
CA GLU A 82 5.82 -2.91 21.44
C GLU A 82 4.77 -3.87 20.86
N GLU A 83 5.23 -4.97 20.22
CA GLU A 83 4.31 -5.95 19.61
C GLU A 83 3.38 -6.58 20.63
N GLN A 84 3.92 -6.95 21.81
CA GLN A 84 3.16 -7.62 22.85
C GLN A 84 2.14 -6.70 23.48
N ILE A 85 2.51 -5.44 23.76
CA ILE A 85 1.56 -4.48 24.33
C ILE A 85 0.44 -4.23 23.33
N CYS A 86 0.82 -3.96 22.07
CA CYS A 86 -0.14 -3.69 20.99
C CYS A 86 -1.12 -4.85 20.87
N GLU A 87 -0.61 -6.10 20.90
CA GLU A 87 -1.45 -7.30 20.79
C GLU A 87 -2.45 -7.39 21.96
N CYS A 88 -2.04 -7.09 23.21
CA CYS A 88 -2.95 -7.06 24.39
C CYS A 88 -4.08 -6.08 24.08
N ASP A 89 -3.71 -4.83 23.69
CA ASP A 89 -4.66 -3.74 23.45
C ASP A 89 -5.63 -4.07 22.32
N ARG A 90 -5.12 -4.55 21.18
CA ARG A 90 -5.93 -4.91 20.01
C ARG A 90 -6.96 -5.98 20.37
N VAL A 91 -6.53 -7.06 21.01
CA VAL A 91 -7.39 -8.18 21.42
C VAL A 91 -8.50 -7.70 22.36
N ALA A 92 -8.13 -6.89 23.35
CA ALA A 92 -9.11 -6.34 24.31
C ALA A 92 -10.13 -5.44 23.60
N ALA A 93 -9.69 -4.50 22.70
CA ALA A 93 -10.62 -3.60 22.01
C ALA A 93 -11.60 -4.40 21.12
N GLU A 94 -11.11 -5.44 20.43
CA GLU A 94 -11.97 -6.29 19.59
C GLU A 94 -12.95 -7.09 20.44
N CYS A 95 -12.49 -7.61 21.59
CA CYS A 95 -13.29 -8.36 22.55
C CYS A 95 -14.42 -7.46 23.07
N LEU A 96 -14.11 -6.18 23.35
CA LEU A 96 -15.12 -5.25 23.87
C LEU A 96 -16.21 -5.02 22.84
N ARG A 97 -15.85 -4.91 21.54
CA ARG A 97 -16.84 -4.77 20.47
CA ARG A 97 -16.83 -4.77 20.46
C ARG A 97 -17.75 -6.02 20.43
N ARG A 98 -17.15 -7.21 20.50
CA ARG A 98 -17.89 -8.48 20.46
C ARG A 98 -18.86 -8.64 21.65
N SER A 99 -18.53 -8.00 22.79
CA SER A 99 -19.31 -8.06 24.04
C SER A 99 -20.38 -6.97 24.11
N LEU A 100 -20.49 -6.07 23.09
CA LEU A 100 -21.43 -4.94 23.14
C LEU A 100 -22.88 -5.32 23.38
N SER A 101 -23.31 -6.46 22.81
CA SER A 101 -24.70 -6.93 22.94
C SER A 101 -25.10 -7.23 24.39
N THR A 102 -24.13 -7.50 25.30
CA THR A 102 -24.42 -7.78 26.70
C THR A 102 -23.92 -6.68 27.66
N TYR A 103 -23.44 -5.56 27.12
CA TYR A 103 -22.96 -4.42 27.93
C TYR A 103 -24.16 -3.91 28.77
N LYS A 104 -23.97 -3.81 30.09
CA LYS A 104 -25.00 -3.34 31.00
C LYS A 104 -24.62 -2.00 31.60
N TYR A 105 -25.47 -0.98 31.41
CA TYR A 105 -25.23 0.33 32.00
C TYR A 105 -25.21 0.24 33.53
N GLY A 106 -25.88 -0.79 34.10
CA GLY A 106 -25.91 -1.08 35.54
C GLY A 106 -24.55 -1.49 36.10
N TYR A 107 -23.62 -1.93 35.23
CA TYR A 107 -22.25 -2.33 35.66
C TYR A 107 -21.22 -1.21 35.47
N MET A 108 -21.61 -0.09 34.83
CA MET A 108 -20.76 1.04 34.46
C MET A 108 -19.86 1.58 35.56
N PHE A 109 -20.46 1.85 36.75
CA PHE A 109 -19.72 2.37 37.91
C PHE A 109 -19.92 1.31 38.98
N TYR A 110 -19.22 0.20 38.82
CA TYR A 110 -19.40 -0.95 39.68
C TYR A 110 -18.60 -0.82 40.99
N PRO A 111 -19.25 -1.02 42.15
CA PRO A 111 -18.51 -0.89 43.41
C PRO A 111 -17.59 -2.05 43.74
N ASP A 112 -16.40 -1.73 44.29
CA ASP A 112 -15.40 -2.72 44.72
C ASP A 112 -15.95 -3.70 45.78
N SER A 113 -16.96 -3.25 46.55
CA SER A 113 -17.62 -4.05 47.59
C SER A 113 -18.36 -5.26 47.01
N ARG A 114 -18.68 -5.22 45.70
CA ARG A 114 -19.36 -6.31 45.02
C ARG A 114 -18.36 -7.24 44.29
N CYS A 115 -17.06 -7.00 44.50
CA CYS A 115 -15.96 -7.74 43.90
C CYS A 115 -15.10 -8.40 44.99
N ARG A 116 -15.71 -8.81 46.12
CA ARG A 116 -14.96 -9.34 47.26
C ARG A 116 -14.71 -10.86 47.22
N GLY A 117 -15.26 -11.54 46.21
CA GLY A 117 -15.09 -12.99 46.05
C GLY A 117 -13.67 -13.42 45.73
N PRO A 118 -13.37 -14.74 45.67
CA PRO A 118 -11.99 -15.16 45.32
C PRO A 118 -11.63 -14.65 43.92
N SER A 119 -10.41 -14.13 43.76
CA SER A 119 -9.92 -13.60 42.50
C SER A 119 -9.59 -14.72 41.51
N GLU A 120 -10.09 -14.59 40.29
CA GLU A 120 -9.85 -15.59 39.23
C GLU A 120 -8.38 -15.59 38.81
N THR A 121 -7.85 -16.79 38.47
CA THR A 121 -6.47 -17.00 38.03
C THR A 121 -6.37 -16.69 36.55
N CYS A 122 -5.29 -15.99 36.16
CA CYS A 122 -4.98 -15.62 34.78
C CYS A 122 -4.72 -16.82 33.89
N HIS B 1 4.50 12.60 19.03
CA HIS B 1 4.89 12.59 20.43
C HIS B 1 6.41 12.45 20.47
N LEU B 2 7.05 13.16 21.41
CA LEU B 2 8.50 13.09 21.63
C LEU B 2 9.08 11.66 21.67
N LEU B 3 8.38 10.71 22.30
CA LEU B 3 8.88 9.33 22.36
C LEU B 3 8.89 8.66 20.96
N GLN B 4 7.95 9.04 20.09
CA GLN B 4 7.90 8.53 18.72
C GLN B 4 9.06 9.16 17.92
N PHE B 5 9.31 10.47 18.11
CA PHE B 5 10.42 11.16 17.44
C PHE B 5 11.74 10.49 17.88
N ASN B 6 11.86 10.14 19.16
CA ASN B 6 13.08 9.45 19.65
C ASN B 6 13.26 8.08 19.00
N LYS B 7 12.16 7.36 18.75
CA LYS B 7 12.20 6.08 18.06
C LYS B 7 12.64 6.27 16.59
N MET B 8 12.16 7.33 15.93
CA MET B 8 12.58 7.65 14.53
C MET B 8 14.10 7.95 14.52
N ILE B 9 14.58 8.76 15.48
CA ILE B 9 16.00 9.08 15.59
C ILE B 9 16.83 7.81 15.74
N LYS B 10 16.43 6.90 16.65
CA LYS B 10 17.10 5.60 16.83
C LYS B 10 17.10 4.78 15.53
N PHE B 11 15.96 4.71 14.87
CA PHE B 11 15.84 3.95 13.63
C PHE B 11 16.81 4.47 12.55
N GLU B 12 16.78 5.78 12.31
CA GLU B 12 17.58 6.43 11.28
C GLU B 12 19.06 6.51 11.59
N THR B 13 19.42 7.00 12.79
CA THR B 13 20.83 7.19 13.16
C THR B 13 21.51 5.98 13.74
N ARG B 14 20.74 4.98 14.24
CA ARG B 14 21.23 3.80 14.98
C ARG B 14 21.81 4.21 16.35
N LYS B 15 21.54 5.44 16.81
CA LYS B 15 21.95 5.90 18.14
C LYS B 15 20.70 6.26 18.94
N ASN B 16 20.71 6.02 20.25
CA ASN B 16 19.58 6.43 21.11
C ASN B 16 19.63 7.96 21.22
N ALA B 17 18.47 8.64 21.11
CA ALA B 17 18.38 10.10 21.23
C ALA B 17 18.99 10.58 22.53
N ILE B 18 18.76 9.83 23.63
CA ILE B 18 19.39 10.06 24.92
C ILE B 18 20.44 8.96 25.05
N PRO B 19 21.74 9.27 25.11
CA PRO B 19 22.36 10.58 25.26
C PRO B 19 22.89 11.25 23.99
N PHE B 20 22.84 10.59 22.83
CA PHE B 20 23.56 11.06 21.64
C PHE B 20 23.04 12.31 20.97
N TYR B 21 21.75 12.66 21.10
CA TYR B 21 21.25 13.86 20.44
C TYR B 21 20.54 14.85 21.37
N ALA B 22 20.14 14.44 22.56
CA ALA B 22 19.38 15.31 23.48
C ALA B 22 20.11 16.58 23.97
N PHE B 23 21.45 16.59 23.94
CA PHE B 23 22.26 17.71 24.43
C PHE B 23 23.30 18.18 23.41
N TYR B 24 23.17 17.72 22.17
CA TYR B 24 24.13 18.00 21.13
C TYR B 24 24.11 19.45 20.61
N GLY B 25 25.31 20.04 20.52
CA GLY B 25 25.54 21.38 19.99
C GLY B 25 24.67 22.44 20.65
N CYS B 26 24.21 23.40 19.87
CA CYS B 26 23.42 24.53 20.37
C CYS B 26 21.90 24.34 20.29
N TYR B 27 21.40 23.46 19.39
CA TYR B 27 19.95 23.32 19.16
C TYR B 27 19.34 21.96 19.44
N CYS B 28 20.12 20.88 19.54
CA CYS B 28 19.50 19.58 19.76
C CYS B 28 18.92 19.47 21.18
N GLY B 29 17.74 18.87 21.26
CA GLY B 29 16.99 18.76 22.52
C GLY B 29 16.06 19.96 22.67
N TRP B 30 15.49 20.19 23.88
CA TRP B 30 14.56 21.31 24.04
C TRP B 30 15.28 22.65 24.10
N GLY B 31 14.72 23.63 23.42
CA GLY B 31 15.32 24.96 23.35
C GLY B 31 16.52 25.02 22.43
N GLY B 32 17.28 26.11 22.57
CA GLY B 32 18.42 26.38 21.72
C GLY B 32 18.62 27.85 21.47
N ARG B 33 19.86 28.25 21.22
CA ARG B 33 20.25 29.64 20.96
C ARG B 33 21.54 29.68 20.16
N GLY B 34 21.87 30.85 19.64
CA GLY B 34 23.08 31.03 18.86
C GLY B 34 23.02 30.44 17.49
N ARG B 35 24.18 30.01 17.01
CA ARG B 35 24.35 29.48 15.69
C ARG B 35 24.53 27.96 15.70
N PRO B 36 23.82 27.22 14.82
CA PRO B 36 24.05 25.77 14.73
C PRO B 36 25.54 25.49 14.47
N LYS B 37 26.12 24.58 15.23
CA LYS B 37 27.57 24.28 15.17
C LYS B 37 28.00 23.46 13.95
N ASP B 38 27.12 22.60 13.42
CA ASP B 38 27.43 21.71 12.29
C ASP B 38 26.14 21.20 11.63
N ALA B 39 26.25 20.20 10.75
CA ALA B 39 25.09 19.63 10.04
C ALA B 39 24.06 19.02 11.01
N THR B 40 24.52 18.23 12.00
CA THR B 40 23.63 17.59 12.99
C THR B 40 22.85 18.67 13.73
N ASP B 41 23.56 19.69 14.22
CA ASP B 41 22.96 20.80 14.95
C ASP B 41 21.94 21.56 14.08
N ARG B 42 22.26 21.72 12.80
CA ARG B 42 21.36 22.38 11.85
C ARG B 42 20.04 21.60 11.69
N CYS B 43 20.08 20.25 11.70
CA CYS B 43 18.85 19.42 11.62
C CYS B 43 17.93 19.81 12.78
N CYS B 44 18.50 19.94 13.99
CA CYS B 44 17.76 20.26 15.23
C CYS B 44 17.19 21.68 15.18
N PHE B 45 17.99 22.63 14.61
CA PHE B 45 17.56 24.02 14.43
C PHE B 45 16.32 24.03 13.51
N VAL B 46 16.39 23.34 12.35
CA VAL B 46 15.29 23.25 11.38
C VAL B 46 14.05 22.60 12.04
N HIS B 47 14.26 21.55 12.85
CA HIS B 47 13.18 20.89 13.57
C HIS B 47 12.46 21.87 14.51
N ASP B 48 13.22 22.67 15.30
CA ASP B 48 12.68 23.71 16.20
C ASP B 48 11.81 24.69 15.36
N CYS B 49 12.32 25.12 14.19
CA CYS B 49 11.62 26.05 13.28
C CYS B 49 10.32 25.43 12.73
N CYS B 50 10.37 24.12 12.37
CA CYS B 50 9.26 23.31 11.86
C CYS B 50 8.14 23.29 12.92
N TYR B 51 8.51 23.01 14.20
CA TYR B 51 7.56 23.00 15.32
C TYR B 51 7.00 24.42 15.56
N GLY B 52 7.85 25.44 15.34
CA GLY B 52 7.49 26.85 15.48
C GLY B 52 6.37 27.31 14.57
N LYS B 53 6.20 26.64 13.42
CA LYS B 53 5.13 26.91 12.44
C LYS B 53 3.83 26.20 12.85
N LEU B 54 3.90 25.35 13.90
CA LEU B 54 2.76 24.55 14.35
C LEU B 54 2.31 24.96 15.77
N ALA B 55 2.23 26.28 16.04
CA ALA B 55 1.82 26.80 17.36
C ALA B 55 0.43 26.33 17.82
N LYS B 56 -0.48 26.05 16.88
CA LYS B 56 -1.84 25.58 17.19
C LYS B 56 -1.90 24.05 17.48
N CYS B 57 -0.75 23.35 17.31
CA CYS B 57 -0.63 21.90 17.51
C CYS B 57 0.07 21.56 18.83
N ASN B 58 -0.24 20.39 19.39
CA ASN B 58 0.41 19.87 20.60
C ASN B 58 1.65 19.06 20.09
N THR B 59 2.69 19.79 19.67
CA THR B 59 3.87 19.21 19.02
C THR B 59 4.60 18.17 19.87
N LYS B 60 4.70 18.39 21.17
CA LYS B 60 5.46 17.47 21.97
C LYS B 60 4.73 16.17 22.32
N TRP B 61 3.40 16.22 22.47
CA TRP B 61 2.69 15.08 23.05
C TRP B 61 1.58 14.47 22.21
N ASP B 62 1.28 15.00 21.01
CA ASP B 62 0.25 14.42 20.16
C ASP B 62 0.78 13.11 19.56
N ILE B 63 0.08 11.99 19.77
CA ILE B 63 0.51 10.69 19.24
C ILE B 63 -0.03 10.51 17.84
N TYR B 64 0.88 10.53 16.85
CA TYR B 64 0.53 10.36 15.44
C TYR B 64 0.72 8.90 14.98
N ARG B 65 0.36 8.63 13.73
CA ARG B 65 0.49 7.32 13.10
C ARG B 65 1.73 7.33 12.20
N TYR B 66 2.59 6.31 12.29
CA TYR B 66 3.73 6.20 11.35
C TYR B 66 4.10 4.74 11.21
N SER B 67 4.82 4.41 10.15
CA SER B 67 5.23 3.04 9.90
C SER B 67 6.73 3.00 9.54
N LEU B 68 7.38 1.87 9.84
CA LEU B 68 8.78 1.59 9.48
C LEU B 68 8.88 0.48 8.42
N LYS B 69 7.74 -0.01 7.95
CA LYS B 69 7.61 -1.09 6.97
C LYS B 69 8.44 -0.75 5.70
N SER B 70 9.21 -1.73 5.16
CA SER B 70 10.06 -1.50 3.97
C SER B 70 11.34 -0.65 4.22
N GLY B 71 11.71 -0.46 5.48
CA GLY B 71 12.99 0.16 5.82
C GLY B 71 13.11 1.67 5.81
N TYR B 72 12.00 2.41 5.74
CA TYR B 72 12.01 3.88 5.84
C TYR B 72 10.77 4.35 6.63
N ILE B 73 10.76 5.59 7.13
CA ILE B 73 9.63 6.13 7.89
C ILE B 73 8.58 6.65 6.92
N THR B 74 7.32 6.29 7.15
CA THR B 74 6.19 6.81 6.37
C THR B 74 5.19 7.33 7.36
N CYS B 75 4.79 8.59 7.22
CA CYS B 75 3.78 9.18 8.08
C CYS B 75 2.38 8.73 7.62
N GLY B 76 1.58 8.27 8.58
CA GLY B 76 0.23 7.81 8.26
C GLY B 76 -0.75 8.95 8.22
N LYS B 77 -1.99 8.63 7.82
CA LYS B 77 -3.05 9.63 7.75
C LYS B 77 -3.60 9.87 9.15
N GLY B 78 -4.01 11.11 9.40
CA GLY B 78 -4.60 11.51 10.66
C GLY B 78 -5.13 12.93 10.61
N THR B 79 -5.15 13.60 11.77
CA THR B 79 -5.54 15.02 11.83
C THR B 79 -4.42 15.84 11.16
N TRP B 80 -4.73 17.09 10.76
CA TRP B 80 -3.75 18.00 10.16
C TRP B 80 -2.54 18.12 11.09
N CYS B 81 -2.78 18.29 12.40
CA CYS B 81 -1.71 18.43 13.40
C CYS B 81 -0.83 17.17 13.48
N GLU B 82 -1.44 15.97 13.56
CA GLU B 82 -0.69 14.69 13.62
C GLU B 82 0.22 14.55 12.40
N GLU B 83 -0.32 14.77 11.20
CA GLU B 83 0.45 14.65 9.95
C GLU B 83 1.61 15.64 9.87
N GLN B 84 1.37 16.90 10.28
CA GLN B 84 2.38 17.96 10.26
C GLN B 84 3.52 17.71 11.26
N ILE B 85 3.16 17.28 12.49
CA ILE B 85 4.15 16.96 13.52
C ILE B 85 5.00 15.77 13.04
N CYS B 86 4.33 14.71 12.55
CA CYS B 86 5.01 13.51 12.06
C CYS B 86 5.99 13.90 10.97
N GLU B 87 5.57 14.79 10.03
CA GLU B 87 6.45 15.24 8.94
C GLU B 87 7.70 15.96 9.47
N CYS B 88 7.56 16.84 10.49
CA CYS B 88 8.71 17.53 11.13
C CYS B 88 9.69 16.49 11.65
N ASP B 89 9.16 15.51 12.42
CA ASP B 89 9.94 14.46 13.09
C ASP B 89 10.66 13.57 12.08
N ARG B 90 9.95 13.11 11.04
CA ARG B 90 10.49 12.25 9.98
C ARG B 90 11.68 12.96 9.27
N VAL B 91 11.47 14.23 8.84
CA VAL B 91 12.50 15.02 8.14
C VAL B 91 13.74 15.20 9.02
N ALA B 92 13.55 15.55 10.28
CA ALA B 92 14.66 15.69 11.23
C ALA B 92 15.42 14.37 11.44
N ALA B 93 14.72 13.22 11.64
CA ALA B 93 15.40 11.93 11.86
C ALA B 93 16.23 11.53 10.62
N GLU B 94 15.67 11.76 9.42
CA GLU B 94 16.41 11.48 8.16
C GLU B 94 17.60 12.40 8.00
N CYS B 95 17.45 13.70 8.33
CA CYS B 95 18.51 14.70 8.32
C CYS B 95 19.64 14.28 9.25
N LEU B 96 19.30 13.80 10.46
CA LEU B 96 20.32 13.37 11.43
C LEU B 96 21.12 12.19 10.89
N ARG B 97 20.45 11.26 10.22
CA ARG B 97 21.16 10.11 9.60
C ARG B 97 22.15 10.64 8.54
N ARG B 98 21.69 11.56 7.69
CA ARG B 98 22.55 12.11 6.62
C ARG B 98 23.73 12.90 7.17
N SER B 99 23.60 13.46 8.39
CA SER B 99 24.63 14.24 9.08
C SER B 99 25.61 13.38 9.88
N LEU B 100 25.43 12.04 9.92
CA LEU B 100 26.32 11.11 10.65
C LEU B 100 27.79 11.23 10.28
N SER B 101 28.10 11.56 9.00
CA SER B 101 29.47 11.69 8.51
C SER B 101 30.24 12.79 9.23
N THR B 102 29.53 13.80 9.81
CA THR B 102 30.19 14.88 10.57
C THR B 102 29.79 14.93 12.05
N TYR B 103 29.11 13.89 12.56
CA TYR B 103 28.74 13.82 13.98
C TYR B 103 30.03 13.79 14.80
N LYS B 104 30.12 14.68 15.80
CA LYS B 104 31.27 14.80 16.70
C LYS B 104 30.90 14.44 18.12
N TYR B 105 31.55 13.41 18.70
CA TYR B 105 31.30 13.07 20.10
C TYR B 105 31.64 14.23 21.03
N GLY B 106 32.54 15.11 20.59
CA GLY B 106 32.93 16.32 21.32
C GLY B 106 31.80 17.35 21.46
N TYR B 107 30.75 17.24 20.62
CA TYR B 107 29.59 18.16 20.69
C TYR B 107 28.41 17.57 21.46
N MET B 108 28.52 16.28 21.87
CA MET B 108 27.49 15.51 22.58
C MET B 108 26.84 16.21 23.75
N PHE B 109 27.66 16.73 24.69
CA PHE B 109 27.19 17.44 25.87
C PHE B 109 27.75 18.85 25.72
N TYR B 110 27.25 19.57 24.71
CA TYR B 110 27.74 20.91 24.42
C TYR B 110 27.20 21.93 25.41
N PRO B 111 28.08 22.70 26.07
CA PRO B 111 27.57 23.64 27.08
C PRO B 111 26.85 24.83 26.43
N ASP B 112 25.65 25.12 26.91
CA ASP B 112 24.86 26.25 26.43
C ASP B 112 25.62 27.60 26.58
N SER B 113 26.61 27.67 27.50
CA SER B 113 27.49 28.83 27.73
C SER B 113 28.33 29.16 26.49
N ARG B 114 28.55 28.17 25.58
CA ARG B 114 29.31 28.32 24.33
C ARG B 114 28.42 28.67 23.13
N CYS B 115 27.15 28.92 23.38
CA CYS B 115 26.23 29.22 22.30
C CYS B 115 25.88 30.70 22.30
N ARG B 116 26.94 31.54 22.26
CA ARG B 116 26.88 32.99 22.40
C ARG B 116 26.80 33.79 21.12
N GLY B 117 26.84 33.14 19.96
CA GLY B 117 26.71 33.86 18.70
C GLY B 117 25.32 34.48 18.51
N PRO B 118 25.11 35.34 17.48
CA PRO B 118 23.75 35.85 17.24
C PRO B 118 22.80 34.68 16.96
N SER B 119 21.57 34.66 17.50
CA SER B 119 20.65 33.53 17.24
C SER B 119 20.14 33.55 15.81
N GLU B 120 20.26 32.42 15.11
CA GLU B 120 19.84 32.33 13.71
C GLU B 120 18.31 32.42 13.58
N THR B 121 17.87 33.10 12.52
CA THR B 121 16.46 33.30 12.16
C THR B 121 15.96 32.09 11.40
N CYS B 122 14.74 31.65 11.72
CA CYS B 122 14.09 30.50 11.06
C CYS B 122 13.81 30.79 9.58
N HIS C 1 -34.25 -1.83 2.28
CA HIS C 1 -34.49 -0.86 1.19
C HIS C 1 -33.27 0.07 1.15
N LEU C 2 -32.83 0.44 -0.04
CA LEU C 2 -31.72 1.32 -0.27
C LEU C 2 -31.77 2.61 0.57
N LEU C 3 -32.95 3.21 0.76
CA LEU C 3 -33.04 4.44 1.57
C LEU C 3 -32.73 4.19 3.06
N GLN C 4 -33.02 2.98 3.54
CA GLN C 4 -32.70 2.57 4.93
C GLN C 4 -31.20 2.34 5.02
N PHE C 5 -30.60 1.68 4.01
CA PHE C 5 -29.15 1.46 3.96
C PHE C 5 -28.44 2.83 3.98
N ASN C 6 -28.95 3.80 3.23
CA ASN C 6 -28.36 5.15 3.19
C ASN C 6 -28.46 5.86 4.55
N LYS C 7 -29.55 5.64 5.30
CA LYS C 7 -29.69 6.16 6.66
C LYS C 7 -28.68 5.51 7.61
N MET C 8 -28.44 4.19 7.46
CA MET C 8 -27.43 3.47 8.27
C MET C 8 -26.04 4.03 7.98
N ILE C 9 -25.73 4.29 6.68
CA ILE C 9 -24.42 4.85 6.29
C ILE C 9 -24.24 6.22 6.94
N LYS C 10 -25.27 7.07 6.88
CA LYS C 10 -25.21 8.41 7.51
C LYS C 10 -24.99 8.29 9.04
N PHE C 11 -25.72 7.37 9.68
CA PHE C 11 -25.62 7.15 11.12
C PHE C 11 -24.18 6.75 11.51
N GLU C 12 -23.61 5.82 10.77
CA GLU C 12 -22.24 5.31 11.04
C GLU C 12 -21.09 6.24 10.63
N THR C 13 -21.14 6.81 9.42
CA THR C 13 -20.04 7.58 8.85
C THR C 13 -20.15 9.09 9.07
N ARG C 14 -21.39 9.60 9.38
CA ARG C 14 -21.72 11.03 9.42
C ARG C 14 -21.69 11.70 8.03
N LYS C 15 -21.58 10.88 6.97
CA LYS C 15 -21.61 11.39 5.58
C LYS C 15 -22.87 10.88 4.90
N ASN C 16 -23.48 11.70 4.02
CA ASN C 16 -24.61 11.24 3.21
C ASN C 16 -24.08 10.30 2.14
N ALA C 17 -24.75 9.16 1.91
CA ALA C 17 -24.34 8.17 0.91
C ALA C 17 -24.21 8.81 -0.48
N ILE C 18 -25.12 9.75 -0.79
CA ILE C 18 -25.04 10.55 -2.02
C ILE C 18 -24.57 11.92 -1.54
N PRO C 19 -23.39 12.39 -1.92
CA PRO C 19 -22.47 11.87 -2.94
C PRO C 19 -21.27 11.04 -2.46
N PHE C 20 -21.07 10.92 -1.14
CA PHE C 20 -19.82 10.36 -0.58
C PHE C 20 -19.56 8.89 -0.81
N TYR C 21 -20.58 8.05 -0.96
CA TYR C 21 -20.32 6.63 -1.17
C TYR C 21 -20.94 6.02 -2.41
N ALA C 22 -21.91 6.68 -3.04
CA ALA C 22 -22.63 6.12 -4.19
C ALA C 22 -21.76 5.84 -5.46
N PHE C 23 -20.60 6.52 -5.60
CA PHE C 23 -19.73 6.38 -6.78
C PHE C 23 -18.26 6.11 -6.42
N TYR C 24 -18.02 5.78 -5.16
CA TYR C 24 -16.68 5.59 -4.64
C TYR C 24 -15.96 4.32 -5.17
N GLY C 25 -14.71 4.52 -5.58
CA GLY C 25 -13.82 3.43 -6.02
C GLY C 25 -14.42 2.56 -7.10
N CYS C 26 -14.12 1.26 -7.05
CA CYS C 26 -14.59 0.31 -8.04
C CYS C 26 -15.89 -0.40 -7.70
N TYR C 27 -16.27 -0.48 -6.40
CA TYR C 27 -17.45 -1.25 -5.99
C TYR C 27 -18.56 -0.47 -5.29
N CYS C 28 -18.30 0.75 -4.80
CA CYS C 28 -19.37 1.44 -4.07
C CYS C 28 -20.50 1.92 -4.97
N GLY C 29 -21.72 1.69 -4.53
CA GLY C 29 -22.92 1.97 -5.29
C GLY C 29 -23.32 0.76 -6.10
N TRP C 30 -24.15 0.96 -7.11
CA TRP C 30 -24.64 -0.13 -7.94
C TRP C 30 -23.56 -0.62 -8.91
N GLY C 31 -23.43 -1.94 -8.99
CA GLY C 31 -22.43 -2.61 -9.81
C GLY C 31 -21.03 -2.55 -9.26
N GLY C 32 -20.07 -2.93 -10.09
CA GLY C 32 -18.67 -2.95 -9.72
C GLY C 32 -17.89 -4.00 -10.45
N ARG C 33 -16.59 -3.73 -10.64
CA ARG C 33 -15.66 -4.60 -11.35
C ARG C 33 -14.24 -4.32 -10.90
N GLY C 34 -13.34 -5.21 -11.24
CA GLY C 34 -11.93 -5.08 -10.94
C GLY C 34 -11.62 -5.40 -9.50
N ARG C 35 -10.63 -4.71 -8.97
CA ARG C 35 -10.16 -4.94 -7.61
C ARG C 35 -10.52 -3.77 -6.69
N PRO C 36 -11.04 -4.07 -5.45
CA PRO C 36 -11.34 -2.98 -4.50
C PRO C 36 -10.08 -2.14 -4.27
N LYS C 37 -10.22 -0.82 -4.35
CA LYS C 37 -9.09 0.12 -4.26
C LYS C 37 -8.55 0.33 -2.86
N ASP C 38 -9.44 0.19 -1.85
CA ASP C 38 -9.07 0.45 -0.47
C ASP C 38 -10.07 -0.19 0.51
N ALA C 39 -9.90 0.09 1.80
CA ALA C 39 -10.79 -0.48 2.83
C ALA C 39 -12.26 -0.12 2.56
N THR C 40 -12.55 1.19 2.26
CA THR C 40 -13.92 1.67 1.97
C THR C 40 -14.49 0.85 0.81
N ASP C 41 -13.72 0.75 -0.27
CA ASP C 41 -14.14 0.03 -1.47
C ASP C 41 -14.37 -1.45 -1.17
N ARG C 42 -13.54 -2.05 -0.29
CA ARG C 42 -13.68 -3.44 0.11
C ARG C 42 -14.99 -3.68 0.87
N CYS C 43 -15.45 -2.70 1.69
CA CYS C 43 -16.77 -2.80 2.38
C CYS C 43 -17.85 -3.02 1.33
N CYS C 44 -17.81 -2.21 0.26
CA CYS C 44 -18.81 -2.19 -0.82
C CYS C 44 -18.74 -3.49 -1.62
N PHE C 45 -17.52 -4.01 -1.85
CA PHE C 45 -17.29 -5.29 -2.53
C PHE C 45 -17.98 -6.42 -1.73
N VAL C 46 -17.75 -6.46 -0.39
CA VAL C 46 -18.35 -7.46 0.49
C VAL C 46 -19.88 -7.33 0.49
N HIS C 47 -20.39 -6.07 0.52
CA HIS C 47 -21.83 -5.82 0.48
C HIS C 47 -22.45 -6.40 -0.83
N ASP C 48 -21.81 -6.17 -1.98
CA ASP C 48 -22.24 -6.71 -3.29
C ASP C 48 -22.29 -8.25 -3.22
N CYS C 49 -21.26 -8.90 -2.62
CA CYS C 49 -21.19 -10.35 -2.46
C CYS C 49 -22.32 -10.86 -1.56
N CYS C 50 -22.58 -10.13 -0.45
CA CYS C 50 -23.64 -10.39 0.52
C CYS C 50 -25.01 -10.42 -0.20
N TYR C 51 -25.28 -9.36 -1.01
CA TYR C 51 -26.53 -9.26 -1.80
C TYR C 51 -26.60 -10.39 -2.85
N GLY C 52 -25.44 -10.77 -3.40
CA GLY C 52 -25.29 -11.82 -4.39
C GLY C 52 -25.75 -13.19 -3.93
N LYS C 53 -25.70 -13.43 -2.60
CA LYS C 53 -26.15 -14.68 -1.97
C LYS C 53 -27.66 -14.64 -1.74
N LEU C 54 -28.30 -13.48 -1.99
CA LEU C 54 -29.73 -13.27 -1.75
C LEU C 54 -30.50 -13.03 -3.06
N ALA C 55 -30.21 -13.83 -4.11
CA ALA C 55 -30.89 -13.71 -5.41
C ALA C 55 -32.42 -13.90 -5.34
N LYS C 56 -32.93 -14.64 -4.36
CA LYS C 56 -34.37 -14.84 -4.20
C LYS C 56 -35.06 -13.68 -3.42
N CYS C 57 -34.27 -12.70 -2.94
CA CYS C 57 -34.75 -11.55 -2.18
C CYS C 57 -34.75 -10.28 -3.02
N ASN C 58 -35.62 -9.32 -2.67
CA ASN C 58 -35.69 -8.01 -3.32
C ASN C 58 -34.74 -7.10 -2.50
N THR C 59 -33.45 -7.29 -2.71
CA THR C 59 -32.39 -6.62 -1.95
C THR C 59 -32.46 -5.08 -1.95
N LYS C 60 -32.78 -4.47 -3.09
CA LYS C 60 -32.79 -3.03 -3.14
C LYS C 60 -34.01 -2.37 -2.52
N TRP C 61 -35.19 -3.03 -2.58
CA TRP C 61 -36.44 -2.36 -2.24
C TRP C 61 -37.29 -2.97 -1.13
N ASP C 62 -36.87 -4.09 -0.56
CA ASP C 62 -37.65 -4.68 0.54
C ASP C 62 -37.44 -3.85 1.81
N ILE C 63 -38.53 -3.35 2.42
CA ILE C 63 -38.43 -2.52 3.63
C ILE C 63 -38.39 -3.40 4.87
N TYR C 64 -37.21 -3.47 5.52
CA TYR C 64 -37.02 -4.26 6.74
C TYR C 64 -37.18 -3.43 8.00
N ARG C 65 -37.11 -4.09 9.17
CA ARG C 65 -37.20 -3.45 10.47
C ARG C 65 -35.79 -3.32 11.05
N TYR C 66 -35.44 -2.13 11.56
CA TYR C 66 -34.15 -1.96 12.26
C TYR C 66 -34.31 -0.89 13.32
N SER C 67 -33.38 -0.87 14.29
CA SER C 67 -33.46 0.09 15.36
C SER C 67 -32.08 0.74 15.60
N LEU C 68 -32.07 1.98 16.07
CA LEU C 68 -30.86 2.72 16.47
C LEU C 68 -30.92 2.99 17.99
N LYS C 69 -31.99 2.47 18.67
CA LYS C 69 -32.31 2.71 20.08
C LYS C 69 -31.14 2.45 21.04
N SER C 70 -30.39 1.37 20.81
CA SER C 70 -29.24 0.99 21.66
C SER C 70 -27.98 1.86 21.44
N GLY C 71 -28.01 2.72 20.42
CA GLY C 71 -26.86 3.54 20.01
C GLY C 71 -26.11 2.87 18.88
N TYR C 72 -26.59 1.67 18.48
CA TYR C 72 -26.02 0.84 17.44
C TYR C 72 -27.15 0.34 16.52
N ILE C 73 -26.82 -0.02 15.28
CA ILE C 73 -27.84 -0.57 14.39
C ILE C 73 -28.12 -2.01 14.82
N THR C 74 -29.39 -2.35 15.05
CA THR C 74 -29.80 -3.71 15.36
C THR C 74 -30.91 -4.04 14.38
N CYS C 75 -30.81 -5.20 13.77
CA CYS C 75 -31.82 -5.67 12.83
C CYS C 75 -32.97 -6.30 13.59
N GLY C 76 -34.18 -5.90 13.22
CA GLY C 76 -35.37 -6.43 13.87
C GLY C 76 -35.80 -7.75 13.25
N LYS C 77 -36.81 -8.38 13.87
CA LYS C 77 -37.33 -9.63 13.37
C LYS C 77 -38.27 -9.36 12.19
N GLY C 78 -38.25 -10.26 11.22
CA GLY C 78 -39.13 -10.17 10.05
C GLY C 78 -39.07 -11.44 9.23
N THR C 79 -39.29 -11.31 7.92
CA THR C 79 -39.16 -12.43 6.99
C THR C 79 -37.66 -12.77 6.88
N TRP C 80 -37.32 -13.98 6.37
CA TRP C 80 -35.94 -14.38 6.17
C TRP C 80 -35.23 -13.37 5.28
N CYS C 81 -35.87 -12.92 4.19
CA CYS C 81 -35.30 -11.94 3.27
C CYS C 81 -35.04 -10.60 3.95
N GLU C 82 -35.99 -10.06 4.72
CA GLU C 82 -35.84 -8.77 5.43
C GLU C 82 -34.63 -8.83 6.37
N GLU C 83 -34.54 -9.90 7.19
CA GLU C 83 -33.44 -10.09 8.15
C GLU C 83 -32.07 -10.18 7.47
N GLN C 84 -32.00 -10.92 6.37
CA GLN C 84 -30.75 -11.13 5.63
C GLN C 84 -30.27 -9.86 4.93
N ILE C 85 -31.20 -9.11 4.32
CA ILE C 85 -30.86 -7.84 3.65
C ILE C 85 -30.39 -6.83 4.72
N CYS C 86 -31.14 -6.75 5.83
CA CYS C 86 -30.80 -5.82 6.92
C CYS C 86 -29.37 -6.14 7.41
N GLU C 87 -29.05 -7.44 7.60
CA GLU C 87 -27.73 -7.88 8.05
C GLU C 87 -26.62 -7.40 7.09
N CYS C 88 -26.84 -7.53 5.76
CA CYS C 88 -25.86 -7.07 4.76
C CYS C 88 -25.61 -5.58 4.95
N ASP C 89 -26.70 -4.79 5.03
CA ASP C 89 -26.68 -3.33 5.15
C ASP C 89 -25.99 -2.88 6.45
N ARG C 90 -26.34 -3.51 7.58
CA ARG C 90 -25.76 -3.20 8.88
C ARG C 90 -24.24 -3.40 8.90
N VAL C 91 -23.78 -4.56 8.41
CA VAL C 91 -22.36 -4.92 8.34
C VAL C 91 -21.59 -3.90 7.48
N ALA C 92 -22.14 -3.59 6.28
CA ALA C 92 -21.52 -2.62 5.40
C ALA C 92 -21.42 -1.23 6.01
N ALA C 93 -22.50 -0.73 6.67
CA ALA C 93 -22.47 0.63 7.24
C ALA C 93 -21.39 0.73 8.34
N GLU C 94 -21.30 -0.32 9.19
CA GLU C 94 -20.28 -0.38 10.25
C GLU C 94 -18.87 -0.44 9.64
N CYS C 95 -18.69 -1.25 8.59
CA CYS C 95 -17.43 -1.37 7.85
C CYS C 95 -16.99 -0.01 7.29
N LEU C 96 -17.94 0.75 6.72
CA LEU C 96 -17.62 2.08 6.15
C LEU C 96 -17.12 3.04 7.25
N ARG C 97 -17.75 2.99 8.43
CA ARG C 97 -17.27 3.83 9.57
C ARG C 97 -15.81 3.41 9.95
N ARG C 98 -15.56 2.10 10.01
CA ARG C 98 -14.23 1.56 10.37
C ARG C 98 -13.15 1.89 9.31
N SER C 99 -13.57 2.20 8.09
CA SER C 99 -12.66 2.54 6.98
C SER C 99 -12.44 4.05 6.81
N LEU C 100 -13.07 4.87 7.68
CA LEU C 100 -13.01 6.32 7.54
C LEU C 100 -11.61 6.91 7.50
N SER C 101 -10.66 6.32 8.23
CA SER C 101 -9.30 6.87 8.29
C SER C 101 -8.59 6.88 6.92
N THR C 102 -9.03 6.01 5.98
CA THR C 102 -8.43 5.95 4.66
C THR C 102 -9.38 6.42 3.55
N TYR C 103 -10.52 7.03 3.91
CA TYR C 103 -11.43 7.57 2.92
C TYR C 103 -10.69 8.68 2.13
N LYS C 104 -10.70 8.58 0.79
CA LYS C 104 -10.02 9.55 -0.08
C LYS C 104 -11.04 10.27 -0.94
N TYR C 105 -11.09 11.60 -0.84
CA TYR C 105 -12.00 12.42 -1.66
C TYR C 105 -11.69 12.21 -3.16
N GLY C 106 -10.44 11.85 -3.49
CA GLY C 106 -9.98 11.53 -4.83
C GLY C 106 -10.61 10.29 -5.43
N TYR C 107 -11.19 9.38 -4.59
CA TYR C 107 -11.85 8.16 -5.04
C TYR C 107 -13.38 8.34 -5.15
N MET C 108 -13.93 9.48 -4.68
CA MET C 108 -15.36 9.80 -4.62
C MET C 108 -16.15 9.56 -5.90
N PHE C 109 -15.66 10.04 -7.06
CA PHE C 109 -16.30 9.83 -8.36
C PHE C 109 -15.25 9.11 -9.18
N TYR C 110 -15.02 7.85 -8.84
CA TYR C 110 -13.97 7.06 -9.46
C TYR C 110 -14.35 6.56 -10.85
N PRO C 111 -13.50 6.79 -11.88
CA PRO C 111 -13.86 6.36 -13.23
C PRO C 111 -13.74 4.86 -13.44
N ASP C 112 -14.74 4.27 -14.15
CA ASP C 112 -14.79 2.85 -14.50
C ASP C 112 -13.56 2.39 -15.28
N SER C 113 -12.93 3.33 -16.02
CA SER C 113 -11.73 3.11 -16.83
C SER C 113 -10.53 2.71 -15.98
N ARG C 114 -10.55 3.05 -14.68
CA ARG C 114 -9.47 2.73 -13.75
C ARG C 114 -9.77 1.42 -12.97
N CYS C 115 -10.88 0.74 -13.32
CA CYS C 115 -11.33 -0.50 -12.69
C CYS C 115 -11.24 -1.66 -13.68
N ARG C 116 -10.15 -1.59 -14.46
CA ARG C 116 -9.77 -2.58 -15.44
C ARG C 116 -8.88 -3.54 -14.71
N GLY C 117 -8.88 -4.77 -15.18
CA GLY C 117 -8.11 -5.82 -14.54
C GLY C 117 -9.05 -6.88 -14.03
N PRO C 118 -8.51 -7.98 -13.49
CA PRO C 118 -9.36 -9.08 -13.06
C PRO C 118 -10.26 -8.71 -11.89
N SER C 119 -11.54 -9.09 -11.99
CA SER C 119 -12.52 -8.87 -10.96
C SER C 119 -12.33 -9.87 -9.83
N GLU C 120 -12.27 -9.39 -8.57
CA GLU C 120 -12.09 -10.25 -7.41
C GLU C 120 -13.30 -11.17 -7.20
N THR C 121 -13.04 -12.43 -6.80
CA THR C 121 -14.05 -13.44 -6.51
C THR C 121 -14.58 -13.25 -5.09
N CYS C 122 -15.90 -13.40 -4.94
CA CYS C 122 -16.60 -13.29 -3.66
C CYS C 122 -16.17 -14.37 -2.67
N HIS D 1 7.19 19.31 -31.76
CA HIS D 1 6.66 20.50 -32.46
C HIS D 1 5.13 20.34 -32.57
N LEU D 2 4.40 21.45 -32.41
CA LEU D 2 2.92 21.45 -32.47
C LEU D 2 2.34 20.79 -33.72
N LEU D 3 3.00 20.90 -34.89
CA LEU D 3 2.48 20.23 -36.09
C LEU D 3 2.60 18.69 -36.01
N GLN D 4 3.60 18.19 -35.28
CA GLN D 4 3.79 16.75 -35.06
C GLN D 4 2.68 16.28 -34.10
N PHE D 5 2.38 17.06 -33.07
CA PHE D 5 1.29 16.76 -32.15
C PHE D 5 -0.05 16.68 -32.90
N ASN D 6 -0.27 17.61 -33.84
CA ASN D 6 -1.51 17.58 -34.65
C ASN D 6 -1.57 16.33 -35.51
N LYS D 7 -0.40 15.85 -36.04
CA LYS D 7 -0.37 14.61 -36.83
C LYS D 7 -0.72 13.41 -35.94
N MET D 8 -0.20 13.40 -34.69
CA MET D 8 -0.51 12.32 -33.73
C MET D 8 -2.01 12.29 -33.42
N ILE D 9 -2.61 13.48 -33.20
CA ILE D 9 -4.05 13.61 -32.92
C ILE D 9 -4.82 12.98 -34.08
N LYS D 10 -4.50 13.36 -35.31
CA LYS D 10 -5.17 12.83 -36.50
C LYS D 10 -5.00 11.30 -36.60
N PHE D 11 -3.79 10.81 -36.33
CA PHE D 11 -3.50 9.39 -36.43
C PHE D 11 -4.37 8.57 -35.46
N GLU D 12 -4.45 9.00 -34.20
CA GLU D 12 -5.17 8.32 -33.14
C GLU D 12 -6.70 8.50 -33.19
N THR D 13 -7.17 9.75 -33.32
CA THR D 13 -8.62 10.05 -33.27
C THR D 13 -9.30 9.90 -34.63
N ARG D 14 -8.54 9.96 -35.72
CA ARG D 14 -9.04 10.02 -37.10
C ARG D 14 -9.75 11.38 -37.40
N LYS D 15 -9.57 12.39 -36.50
CA LYS D 15 -10.12 13.74 -36.65
C LYS D 15 -8.97 14.74 -36.77
N ASN D 16 -9.15 15.75 -37.62
CA ASN D 16 -8.16 16.81 -37.73
C ASN D 16 -8.25 17.68 -36.48
N ALA D 17 -7.09 18.08 -35.89
CA ALA D 17 -7.02 18.96 -34.72
C ALA D 17 -7.82 20.26 -34.96
N ILE D 18 -7.77 20.81 -36.20
CA ILE D 18 -8.61 21.93 -36.61
C ILE D 18 -9.68 21.32 -37.51
N PRO D 19 -10.96 21.33 -37.13
CA PRO D 19 -11.58 22.08 -36.04
C PRO D 19 -11.88 21.34 -34.75
N PHE D 20 -11.67 20.00 -34.73
CA PHE D 20 -12.20 19.16 -33.66
C PHE D 20 -11.58 19.35 -32.29
N TYR D 21 -10.30 19.76 -32.17
CA TYR D 21 -9.72 19.92 -30.85
C TYR D 21 -9.14 21.30 -30.55
N ALA D 22 -8.97 22.16 -31.57
CA ALA D 22 -8.37 23.49 -31.41
C ALA D 22 -9.11 24.45 -30.50
N PHE D 23 -10.45 24.31 -30.38
CA PHE D 23 -11.27 25.24 -29.59
C PHE D 23 -12.18 24.54 -28.59
N TYR D 24 -11.94 23.25 -28.36
CA TYR D 24 -12.80 22.40 -27.53
C TYR D 24 -12.69 22.72 -26.04
N GLY D 25 -13.85 22.87 -25.42
CA GLY D 25 -13.96 23.11 -23.98
C GLY D 25 -13.14 24.26 -23.47
N CYS D 26 -12.57 24.09 -22.26
CA CYS D 26 -11.78 25.13 -21.60
C CYS D 26 -10.27 25.01 -21.78
N TYR D 27 -9.75 23.81 -22.10
CA TYR D 27 -8.29 23.60 -22.17
C TYR D 27 -7.73 23.15 -23.50
N CYS D 28 -8.56 22.62 -24.40
CA CYS D 28 -8.00 22.20 -25.70
C CYS D 28 -7.51 23.39 -26.54
N GLY D 29 -6.42 23.19 -27.27
CA GLY D 29 -5.77 24.27 -28.00
C GLY D 29 -4.87 25.01 -27.04
N TRP D 30 -4.26 26.13 -27.48
CA TRP D 30 -3.33 26.80 -26.57
C TRP D 30 -4.02 27.63 -25.51
N GLY D 31 -3.41 27.61 -24.35
CA GLY D 31 -3.92 28.25 -23.15
C GLY D 31 -5.04 27.44 -22.53
N GLY D 32 -5.72 28.06 -21.59
CA GLY D 32 -6.81 27.41 -20.90
C GLY D 32 -6.95 27.95 -19.50
N ARG D 33 -8.17 27.91 -19.01
CA ARG D 33 -8.52 28.38 -17.68
C ARG D 33 -9.80 27.70 -17.21
N GLY D 34 -10.07 27.83 -15.93
CA GLY D 34 -11.27 27.26 -15.32
C GLY D 34 -11.15 25.77 -15.06
N ARG D 35 -12.27 25.06 -15.15
CA ARG D 35 -12.31 23.62 -14.92
C ARG D 35 -12.53 22.83 -16.21
N PRO D 36 -11.78 21.71 -16.44
CA PRO D 36 -12.01 20.86 -17.63
C PRO D 36 -13.47 20.40 -17.64
N LYS D 37 -14.12 20.54 -18.80
CA LYS D 37 -15.54 20.24 -18.95
C LYS D 37 -15.91 18.75 -19.03
N ASP D 38 -15.01 17.89 -19.55
CA ASP D 38 -15.25 16.44 -19.71
C ASP D 38 -13.92 15.69 -19.90
N ALA D 39 -13.95 14.41 -20.33
CA ALA D 39 -12.74 13.58 -20.53
C ALA D 39 -11.82 14.18 -21.60
N THR D 40 -12.37 14.56 -22.76
CA THR D 40 -11.60 15.18 -23.87
C THR D 40 -10.86 16.41 -23.34
N ASP D 41 -11.58 17.31 -22.66
CA ASP D 41 -11.02 18.54 -22.10
C ASP D 41 -9.94 18.24 -21.06
N ARG D 42 -10.16 17.19 -20.27
CA ARG D 42 -9.18 16.76 -19.26
C ARG D 42 -7.87 16.26 -19.93
N CYS D 43 -7.92 15.60 -21.11
CA CYS D 43 -6.70 15.20 -21.84
C CYS D 43 -5.86 16.45 -22.10
N CYS D 44 -6.52 17.53 -22.59
CA CYS D 44 -5.87 18.80 -22.94
C CYS D 44 -5.32 19.50 -21.70
N PHE D 45 -6.06 19.44 -20.58
CA PHE D 45 -5.61 20.00 -19.29
C PHE D 45 -4.32 19.27 -18.85
N VAL D 46 -4.31 17.92 -18.91
CA VAL D 46 -3.13 17.11 -18.55
C VAL D 46 -1.95 17.44 -19.47
N HIS D 47 -2.22 17.60 -20.79
CA HIS D 47 -1.19 17.97 -21.76
C HIS D 47 -0.54 19.34 -21.38
N ASP D 48 -1.36 20.34 -21.03
CA ASP D 48 -0.89 21.67 -20.59
C ASP D 48 0.01 21.53 -19.36
N CYS D 49 -0.39 20.69 -18.38
CA CYS D 49 0.37 20.40 -17.16
C CYS D 49 1.71 19.71 -17.50
N CYS D 50 1.67 18.76 -18.43
CA CYS D 50 2.82 17.98 -18.94
C CYS D 50 3.87 18.97 -19.51
N TYR D 51 3.41 19.90 -20.38
CA TYR D 51 4.27 20.93 -20.96
C TYR D 51 4.80 21.89 -19.87
N GLY D 52 3.97 22.14 -18.85
CA GLY D 52 4.31 23.02 -17.72
C GLY D 52 5.50 22.54 -16.91
N LYS D 53 5.73 21.21 -16.89
CA LYS D 53 6.87 20.60 -16.18
C LYS D 53 8.14 20.68 -17.04
N LEU D 54 8.01 21.15 -18.29
CA LEU D 54 9.11 21.22 -19.25
C LEU D 54 9.51 22.67 -19.57
N ALA D 55 9.62 23.51 -18.52
CA ALA D 55 9.98 24.94 -18.70
C ALA D 55 11.34 25.16 -19.37
N LYS D 56 12.28 24.23 -19.22
CA LYS D 56 13.59 24.35 -19.86
C LYS D 56 13.60 23.87 -21.32
N CYS D 57 12.46 23.33 -21.83
CA CYS D 57 12.30 22.81 -23.19
C CYS D 57 11.51 23.76 -24.06
N ASN D 58 11.77 23.70 -25.37
CA ASN D 58 11.03 24.50 -26.36
C ASN D 58 9.84 23.62 -26.84
N THR D 59 8.82 23.49 -25.98
CA THR D 59 7.70 22.57 -26.19
C THR D 59 6.92 22.77 -27.49
N LYS D 60 6.79 24.03 -27.96
CA LYS D 60 5.99 24.30 -29.16
C LYS D 60 6.69 24.01 -30.48
N TRP D 61 8.03 24.21 -30.55
CA TRP D 61 8.70 24.08 -31.85
C TRP D 61 9.83 23.06 -31.90
N ASP D 62 10.26 22.45 -30.78
CA ASP D 62 11.38 21.48 -30.86
C ASP D 62 10.88 20.26 -31.66
N ILE D 63 11.53 19.95 -32.77
CA ILE D 63 11.13 18.84 -33.63
C ILE D 63 11.78 17.54 -33.13
N TYR D 64 10.97 16.67 -32.53
CA TYR D 64 11.44 15.37 -32.03
C TYR D 64 11.30 14.29 -33.10
N ARG D 65 11.89 13.10 -32.83
CA ARG D 65 11.74 11.97 -33.74
C ARG D 65 10.71 11.02 -33.15
N TYR D 66 9.84 10.52 -34.03
CA TYR D 66 8.83 9.53 -33.65
C TYR D 66 8.55 8.64 -34.85
N SER D 67 7.95 7.50 -34.59
CA SER D 67 7.61 6.56 -35.65
C SER D 67 6.16 6.07 -35.51
N LEU D 68 5.54 5.73 -36.63
CA LEU D 68 4.18 5.15 -36.71
C LEU D 68 4.27 3.70 -37.24
N LYS D 69 5.50 3.24 -37.54
CA LYS D 69 5.84 1.93 -38.13
C LYS D 69 5.21 0.74 -37.42
N SER D 70 5.26 0.70 -36.09
CA SER D 70 4.70 -0.40 -35.29
C SER D 70 3.15 -0.41 -35.21
N GLY D 71 2.50 0.59 -35.80
CA GLY D 71 1.05 0.74 -35.74
C GLY D 71 0.63 1.68 -34.61
N TYR D 72 1.53 1.88 -33.63
CA TYR D 72 1.38 2.81 -32.52
C TYR D 72 2.45 3.92 -32.68
N ILE D 73 2.18 5.07 -32.08
CA ILE D 73 3.19 6.13 -32.01
C ILE D 73 4.28 5.67 -31.02
N THR D 74 5.54 5.68 -31.47
CA THR D 74 6.69 5.35 -30.62
C THR D 74 7.62 6.54 -30.68
N CYS D 75 8.02 7.03 -29.53
CA CYS D 75 8.94 8.15 -29.45
C CYS D 75 10.36 7.66 -29.65
N GLY D 76 11.11 8.33 -30.54
CA GLY D 76 12.50 8.00 -30.83
C GLY D 76 13.42 8.44 -29.70
N LYS D 77 14.62 7.84 -29.61
CA LYS D 77 15.61 8.23 -28.60
C LYS D 77 16.26 9.52 -29.07
N GLY D 78 16.51 10.43 -28.14
CA GLY D 78 17.11 11.72 -28.48
C GLY D 78 17.48 12.49 -27.24
N THR D 79 17.37 13.83 -27.30
CA THR D 79 17.65 14.66 -26.14
C THR D 79 16.55 14.44 -25.11
N TRP D 80 16.82 14.78 -23.84
CA TRP D 80 15.83 14.68 -22.78
C TRP D 80 14.58 15.49 -23.17
N CYS D 81 14.76 16.73 -23.68
CA CYS D 81 13.63 17.56 -24.11
C CYS D 81 12.82 16.94 -25.23
N GLU D 82 13.44 16.45 -26.29
CA GLU D 82 12.73 15.82 -27.42
C GLU D 82 11.86 14.64 -26.89
N GLU D 83 12.47 13.74 -26.07
CA GLU D 83 11.77 12.58 -25.55
C GLU D 83 10.57 12.96 -24.65
N GLN D 84 10.76 13.98 -23.80
CA GLN D 84 9.72 14.44 -22.87
C GLN D 84 8.56 15.11 -23.60
N ILE D 85 8.86 15.95 -24.59
CA ILE D 85 7.80 16.64 -25.37
C ILE D 85 7.01 15.55 -26.16
N CYS D 86 7.74 14.66 -26.83
CA CYS D 86 7.14 13.57 -27.60
C CYS D 86 6.20 12.75 -26.71
N GLU D 87 6.65 12.39 -25.48
CA GLU D 87 5.86 11.62 -24.53
C GLU D 87 4.56 12.37 -24.16
N CYS D 88 4.63 13.70 -23.90
CA CYS D 88 3.42 14.51 -23.61
C CYS D 88 2.43 14.38 -24.75
N ASP D 89 2.91 14.60 -25.99
CA ASP D 89 2.10 14.60 -27.20
C ASP D 89 1.48 13.23 -27.47
N ARG D 90 2.28 12.16 -27.37
CA ARG D 90 1.81 10.78 -27.60
C ARG D 90 0.67 10.43 -26.59
N VAL D 91 0.88 10.69 -25.32
CA VAL D 91 -0.09 10.40 -24.24
C VAL D 91 -1.39 11.15 -24.49
N ALA D 92 -1.29 12.45 -24.81
CA ALA D 92 -2.49 13.27 -25.09
C ALA D 92 -3.25 12.76 -26.33
N ALA D 93 -2.55 12.38 -27.44
CA ALA D 93 -3.23 11.91 -28.64
C ALA D 93 -4.00 10.60 -28.34
N GLU D 94 -3.37 9.69 -27.58
CA GLU D 94 -4.00 8.43 -27.20
C GLU D 94 -5.18 8.67 -26.24
N CYS D 95 -5.04 9.61 -25.29
CA CYS D 95 -6.09 10.00 -24.34
C CYS D 95 -7.29 10.55 -25.11
N LEU D 96 -7.05 11.39 -26.15
CA LEU D 96 -8.14 11.95 -26.93
C LEU D 96 -8.91 10.83 -27.65
N ARG D 97 -8.20 9.83 -28.19
CA ARG D 97 -8.88 8.69 -28.82
C ARG D 97 -9.78 7.97 -27.79
N ARG D 98 -9.26 7.72 -26.58
CA ARG D 98 -10.02 7.03 -25.53
C ARG D 98 -11.24 7.82 -25.04
N SER D 99 -11.22 9.15 -25.21
CA SER D 99 -12.29 10.07 -24.81
C SER D 99 -13.34 10.27 -25.90
N LEU D 100 -13.15 9.68 -27.10
CA LEU D 100 -14.06 9.86 -28.25
C LEU D 100 -15.55 9.56 -27.92
N SER D 101 -15.80 8.56 -27.07
CA SER D 101 -17.18 8.15 -26.73
C SER D 101 -17.99 9.25 -26.03
N THR D 102 -17.30 10.22 -25.37
CA THR D 102 -18.00 11.33 -24.71
C THR D 102 -17.75 12.69 -25.39
N TYR D 103 -17.15 12.67 -26.59
CA TYR D 103 -16.92 13.89 -27.36
C TYR D 103 -18.27 14.55 -27.66
N LYS D 104 -18.43 15.85 -27.33
CA LYS D 104 -19.68 16.58 -27.59
C LYS D 104 -19.45 17.66 -28.62
N TYR D 105 -20.25 17.63 -29.72
CA TYR D 105 -20.15 18.67 -30.74
C TYR D 105 -20.50 20.06 -30.17
N GLY D 106 -21.29 20.08 -29.10
CA GLY D 106 -21.67 21.28 -28.37
C GLY D 106 -20.50 21.95 -27.67
N TYR D 107 -19.37 21.22 -27.43
CA TYR D 107 -18.19 21.79 -26.79
C TYR D 107 -17.10 22.20 -27.80
N MET D 108 -17.30 21.87 -29.07
CA MET D 108 -16.34 22.11 -30.17
C MET D 108 -15.78 23.52 -30.24
N PHE D 109 -16.69 24.52 -30.28
CA PHE D 109 -16.34 25.94 -30.32
C PHE D 109 -16.86 26.52 -29.02
N TYR D 110 -16.18 26.18 -27.92
CA TYR D 110 -16.63 26.56 -26.60
C TYR D 110 -16.31 28.02 -26.28
N PRO D 111 -17.28 28.83 -25.81
CA PRO D 111 -16.95 30.23 -25.49
C PRO D 111 -16.10 30.40 -24.22
N ASP D 112 -15.08 31.28 -24.31
CA ASP D 112 -14.16 31.61 -23.21
C ASP D 112 -14.91 32.13 -21.98
N SER D 113 -16.09 32.75 -22.21
CA SER D 113 -16.96 33.31 -21.18
C SER D 113 -17.49 32.23 -20.23
N ARG D 114 -17.53 30.96 -20.70
CA ARG D 114 -18.00 29.83 -19.90
C ARG D 114 -16.86 29.13 -19.15
N CYS D 115 -15.64 29.70 -19.22
CA CYS D 115 -14.42 29.19 -18.59
C CYS D 115 -13.91 30.18 -17.55
N ARG D 116 -14.85 30.99 -17.03
CA ARG D 116 -14.64 32.00 -15.99
C ARG D 116 -15.09 31.40 -14.66
N GLY D 117 -14.25 30.51 -14.15
CA GLY D 117 -14.38 29.83 -12.87
C GLY D 117 -12.99 29.59 -12.30
N PRO D 118 -12.83 29.14 -11.02
CA PRO D 118 -11.47 28.89 -10.50
C PRO D 118 -10.74 27.81 -11.32
N SER D 119 -9.48 28.11 -11.67
CA SER D 119 -8.65 27.23 -12.49
C SER D 119 -8.14 26.04 -11.69
N GLU D 120 -8.27 24.83 -12.27
CA GLU D 120 -7.78 23.60 -11.64
C GLU D 120 -6.25 23.58 -11.57
N THR D 121 -5.71 23.08 -10.45
CA THR D 121 -4.27 22.96 -10.19
C THR D 121 -3.76 21.69 -10.83
N CYS D 122 -2.56 21.75 -11.43
CA CYS D 122 -1.91 20.61 -12.08
C CYS D 122 -1.55 19.50 -11.08
N HIS E 1 -16.19 -15.95 -28.16
CA HIS E 1 -16.13 -16.55 -29.51
C HIS E 1 -14.78 -16.15 -30.13
N LEU E 2 -14.15 -17.10 -30.84
CA LEU E 2 -12.84 -16.87 -31.46
C LEU E 2 -12.76 -15.60 -32.36
N LEU E 3 -13.85 -15.23 -33.05
CA LEU E 3 -13.85 -14.01 -33.87
C LEU E 3 -13.78 -12.74 -32.99
N GLN E 4 -14.34 -12.81 -31.77
CA GLN E 4 -14.27 -11.69 -30.81
C GLN E 4 -12.87 -11.57 -30.28
N PHE E 5 -12.23 -12.72 -29.99
CA PHE E 5 -10.84 -12.72 -29.53
C PHE E 5 -9.94 -12.11 -30.62
N ASN E 6 -10.18 -12.47 -31.89
CA ASN E 6 -9.39 -11.90 -33.00
C ASN E 6 -9.58 -10.36 -33.10
N LYS E 7 -10.81 -9.87 -32.87
CA LYS E 7 -11.08 -8.42 -32.85
C LYS E 7 -10.32 -7.74 -31.71
N MET E 8 -10.26 -8.40 -30.51
CA MET E 8 -9.52 -7.85 -29.37
C MET E 8 -8.03 -7.78 -29.70
N ILE E 9 -7.49 -8.83 -30.36
CA ILE E 9 -6.08 -8.88 -30.75
C ILE E 9 -5.77 -7.71 -31.67
N LYS E 10 -6.60 -7.49 -32.69
CA LYS E 10 -6.43 -6.39 -33.64
C LYS E 10 -6.52 -5.02 -32.90
N PHE E 11 -7.47 -4.88 -31.99
CA PHE E 11 -7.66 -3.64 -31.22
C PHE E 11 -6.42 -3.34 -30.35
N GLU E 12 -5.88 -4.36 -29.66
CA GLU E 12 -4.73 -4.18 -28.78
C GLU E 12 -3.39 -4.08 -29.52
N THR E 13 -3.13 -4.98 -30.46
CA THR E 13 -1.83 -5.01 -31.11
C THR E 13 -1.76 -4.18 -32.37
N ARG E 14 -2.91 -3.88 -32.96
CA ARG E 14 -3.06 -3.20 -34.26
C ARG E 14 -2.55 -4.10 -35.41
N LYS E 15 -2.40 -5.42 -35.14
CA LYS E 15 -2.03 -6.43 -36.15
C LYS E 15 -3.19 -7.42 -36.26
N ASN E 16 -3.43 -7.92 -37.48
CA ASN E 16 -4.43 -8.98 -37.67
C ASN E 16 -3.86 -10.30 -37.10
N ALA E 17 -4.69 -11.07 -36.36
CA ALA E 17 -4.31 -12.38 -35.78
C ALA E 17 -3.69 -13.29 -36.88
N ILE E 18 -4.27 -13.27 -38.08
CA ILE E 18 -3.71 -13.99 -39.24
C ILE E 18 -3.10 -12.88 -40.12
N PRO E 19 -1.79 -12.88 -40.36
CA PRO E 19 -0.80 -13.92 -40.03
C PRO E 19 0.04 -13.74 -38.78
N PHE E 20 -0.09 -12.58 -38.09
CA PHE E 20 0.86 -12.18 -37.06
C PHE E 20 0.86 -12.99 -35.78
N TYR E 21 -0.28 -13.57 -35.37
CA TYR E 21 -0.26 -14.34 -34.13
C TYR E 21 -0.71 -15.80 -34.26
N ALA E 22 -1.36 -16.19 -35.36
CA ALA E 22 -1.92 -17.53 -35.49
C ALA E 22 -0.90 -18.69 -35.49
N PHE E 23 0.38 -18.41 -35.84
CA PHE E 23 1.40 -19.46 -35.95
C PHE E 23 2.69 -19.09 -35.20
N TYR E 24 2.61 -18.06 -34.36
CA TYR E 24 3.76 -17.51 -33.67
C TYR E 24 4.31 -18.40 -32.58
N GLY E 25 5.63 -18.59 -32.60
CA GLY E 25 6.35 -19.35 -31.59
C GLY E 25 5.81 -20.74 -31.34
N CYS E 26 5.86 -21.19 -30.09
CA CYS E 26 5.42 -22.53 -29.73
C CYS E 26 3.96 -22.63 -29.29
N TYR E 27 3.34 -21.54 -28.82
CA TYR E 27 2.00 -21.59 -28.26
C TYR E 27 0.93 -20.73 -28.94
N CYS E 28 1.29 -19.76 -29.75
CA CYS E 28 0.23 -18.94 -30.36
C CYS E 28 -0.61 -19.70 -31.38
N GLY E 29 -1.91 -19.46 -31.36
CA GLY E 29 -2.85 -20.17 -32.21
C GLY E 29 -3.34 -21.41 -31.47
N TRP E 30 -3.99 -22.33 -32.17
CA TRP E 30 -4.49 -23.55 -31.56
C TRP E 30 -3.34 -24.50 -31.21
N GLY E 31 -3.44 -25.10 -30.02
CA GLY E 31 -2.46 -26.05 -29.52
C GLY E 31 -1.15 -25.41 -29.09
N GLY E 32 -0.14 -26.23 -28.88
CA GLY E 32 1.16 -25.77 -28.44
C GLY E 32 1.89 -26.81 -27.62
N ARG E 33 3.21 -26.75 -27.60
CA ARG E 33 4.07 -27.67 -26.87
C ARG E 33 5.42 -27.01 -26.63
N GLY E 34 6.21 -27.62 -25.74
CA GLY E 34 7.55 -27.12 -25.42
C GLY E 34 7.53 -25.92 -24.51
N ARG E 35 8.52 -25.05 -24.69
CA ARG E 35 8.68 -23.86 -23.87
C ARG E 35 8.36 -22.58 -24.64
N PRO E 36 7.59 -21.64 -24.04
CA PRO E 36 7.34 -20.34 -24.71
C PRO E 36 8.66 -19.65 -25.07
N LYS E 37 8.78 -19.18 -26.31
CA LYS E 37 10.01 -18.60 -26.83
C LYS E 37 10.33 -17.18 -26.37
N ASP E 38 9.30 -16.38 -26.09
CA ASP E 38 9.47 -14.98 -25.69
C ASP E 38 8.19 -14.49 -24.97
N ALA E 39 8.07 -13.16 -24.74
CA ALA E 39 6.93 -12.56 -24.04
C ALA E 39 5.60 -12.81 -24.80
N THR E 40 5.62 -12.57 -26.13
CA THR E 40 4.43 -12.78 -26.99
C THR E 40 3.96 -14.23 -26.85
N ASP E 41 4.89 -15.18 -26.98
CA ASP E 41 4.59 -16.60 -26.90
C ASP E 41 4.05 -16.98 -25.52
N ARG E 42 4.60 -16.34 -24.46
CA ARG E 42 4.12 -16.58 -23.09
C ARG E 42 2.66 -16.13 -22.91
N CYS E 43 2.23 -15.03 -23.58
CA CYS E 43 0.82 -14.57 -23.54
C CYS E 43 -0.07 -15.72 -24.01
N CYS E 44 0.32 -16.35 -25.14
CA CYS E 44 -0.44 -17.42 -25.76
C CYS E 44 -0.47 -18.67 -24.89
N PHE E 45 0.66 -18.98 -24.23
CA PHE E 45 0.77 -20.10 -23.30
C PHE E 45 -0.24 -19.89 -22.14
N VAL E 46 -0.24 -18.69 -21.54
CA VAL E 46 -1.16 -18.34 -20.45
C VAL E 46 -2.62 -18.45 -20.93
N HIS E 47 -2.91 -17.97 -22.16
CA HIS E 47 -4.25 -18.04 -22.75
C HIS E 47 -4.72 -19.52 -22.85
N ASP E 48 -3.84 -20.43 -23.33
CA ASP E 48 -4.12 -21.86 -23.44
C ASP E 48 -4.46 -22.42 -22.04
N CYS E 49 -3.66 -22.06 -21.01
CA CYS E 49 -3.86 -22.46 -19.61
C CYS E 49 -5.21 -21.98 -19.08
N CYS E 50 -5.53 -20.69 -19.38
CA CYS E 50 -6.78 -20.01 -19.03
C CYS E 50 -7.98 -20.80 -19.60
N TYR E 51 -7.95 -21.12 -20.91
CA TYR E 51 -9.02 -21.89 -21.57
C TYR E 51 -9.09 -23.32 -20.98
N GLY E 52 -7.92 -23.86 -20.58
CA GLY E 52 -7.78 -25.19 -19.98
C GLY E 52 -8.55 -25.37 -18.68
N LYS E 53 -8.74 -24.27 -17.95
CA LYS E 53 -9.51 -24.23 -16.69
C LYS E 53 -11.01 -24.12 -16.97
N LEU E 54 -11.39 -23.91 -18.25
CA LEU E 54 -12.78 -23.71 -18.67
C LEU E 54 -13.32 -24.87 -19.52
N ALA E 55 -13.01 -26.12 -19.13
CA ALA E 55 -13.48 -27.32 -19.86
C ALA E 55 -15.01 -27.42 -19.94
N LYS E 56 -15.75 -26.87 -18.94
CA LYS E 56 -17.21 -26.90 -18.98
C LYS E 56 -17.83 -25.77 -19.83
N CYS E 57 -16.99 -24.89 -20.41
CA CYS E 57 -17.42 -23.77 -21.25
C CYS E 57 -17.15 -24.03 -22.73
N ASN E 58 -17.93 -23.39 -23.59
CA ASN E 58 -17.76 -23.50 -25.04
C ASN E 58 -16.84 -22.31 -25.43
N THR E 59 -15.55 -22.44 -25.11
CA THR E 59 -14.52 -21.40 -25.28
C THR E 59 -14.40 -20.87 -26.71
N LYS E 60 -14.64 -21.73 -27.73
CA LYS E 60 -14.49 -21.33 -29.13
C LYS E 60 -15.66 -20.56 -29.71
N TRP E 61 -16.94 -20.84 -29.30
CA TRP E 61 -18.07 -20.20 -29.96
C TRP E 61 -19.04 -19.45 -29.04
N ASP E 62 -18.86 -19.50 -27.71
CA ASP E 62 -19.82 -18.78 -26.84
C ASP E 62 -19.61 -17.27 -27.06
N ILE E 63 -20.65 -16.58 -27.52
CA ILE E 63 -20.55 -15.14 -27.80
C ILE E 63 -20.83 -14.36 -26.53
N TYR E 64 -19.78 -13.76 -25.94
CA TYR E 64 -19.90 -12.97 -24.72
C TYR E 64 -20.12 -11.50 -25.08
N ARG E 65 -20.45 -10.67 -24.07
CA ARG E 65 -20.64 -9.25 -24.28
C ARG E 65 -19.38 -8.51 -23.80
N TYR E 66 -18.91 -7.58 -24.61
CA TYR E 66 -17.77 -6.74 -24.25
C TYR E 66 -17.97 -5.38 -24.89
N SER E 67 -17.27 -4.37 -24.39
CA SER E 67 -17.35 -3.03 -24.91
C SER E 67 -15.94 -2.44 -25.15
N LEU E 68 -15.84 -1.54 -26.15
CA LEU E 68 -14.62 -0.80 -26.49
C LEU E 68 -14.86 0.70 -26.23
N LYS E 69 -16.08 1.04 -25.74
CA LYS E 69 -16.57 2.41 -25.48
C LYS E 69 -15.60 3.31 -24.71
N SER E 70 -14.98 2.81 -23.63
CA SER E 70 -14.05 3.56 -22.79
C SER E 70 -12.63 3.78 -23.42
N GLY E 71 -12.42 3.27 -24.62
CA GLY E 71 -11.11 3.26 -25.27
C GLY E 71 -10.30 2.03 -24.87
N TYR E 72 -10.86 1.17 -23.99
CA TYR E 72 -10.23 -0.07 -23.49
C TYR E 72 -11.27 -1.21 -23.58
N ILE E 73 -10.81 -2.49 -23.59
CA ILE E 73 -11.75 -3.63 -23.63
C ILE E 73 -12.30 -3.80 -22.21
N THR E 74 -13.62 -3.83 -22.09
CA THR E 74 -14.26 -4.12 -20.80
C THR E 74 -15.24 -5.26 -21.02
N CYS E 75 -15.12 -6.30 -20.21
CA CYS E 75 -16.00 -7.46 -20.31
C CYS E 75 -17.34 -7.13 -19.64
N GLY E 76 -18.43 -7.46 -20.31
CA GLY E 76 -19.78 -7.28 -19.78
C GLY E 76 -20.12 -8.33 -18.74
N LYS E 77 -21.15 -8.06 -17.93
CA LYS E 77 -21.62 -9.04 -16.94
C LYS E 77 -22.50 -10.04 -17.67
N GLY E 78 -22.38 -11.31 -17.33
CA GLY E 78 -23.16 -12.35 -17.98
C GLY E 78 -23.06 -13.64 -17.23
N THR E 79 -23.11 -14.77 -17.97
CA THR E 79 -22.97 -16.09 -17.36
C THR E 79 -21.53 -16.24 -16.89
N TRP E 80 -21.28 -17.18 -15.96
CA TRP E 80 -19.94 -17.47 -15.48
C TRP E 80 -19.03 -17.79 -16.68
N CYS E 81 -19.50 -18.64 -17.62
CA CYS E 81 -18.71 -19.01 -18.81
C CYS E 81 -18.39 -17.81 -19.71
N GLU E 82 -19.37 -16.96 -20.03
CA GLU E 82 -19.14 -15.77 -20.87
C GLU E 82 -18.08 -14.86 -20.23
N GLU E 83 -18.22 -14.57 -18.93
CA GLU E 83 -17.29 -13.69 -18.22
C GLU E 83 -15.88 -14.25 -18.18
N GLN E 84 -15.75 -15.57 -17.94
CA GLN E 84 -14.45 -16.21 -17.83
C GLN E 84 -13.75 -16.27 -19.20
N ILE E 85 -14.49 -16.60 -20.27
CA ILE E 85 -13.91 -16.68 -21.61
C ILE E 85 -13.46 -15.25 -22.01
N CYS E 86 -14.33 -14.26 -21.81
CA CYS E 86 -14.04 -12.86 -22.12
C CYS E 86 -12.78 -12.41 -21.41
N GLU E 87 -12.67 -12.74 -20.10
CA GLU E 87 -11.51 -12.38 -19.30
C GLU E 87 -10.22 -13.00 -19.85
N CYS E 88 -10.24 -14.29 -20.27
CA CYS E 88 -9.06 -14.96 -20.86
C CYS E 88 -8.63 -14.16 -22.08
N ASP E 89 -9.59 -13.86 -22.97
CA ASP E 89 -9.38 -13.19 -24.25
C ASP E 89 -8.82 -11.78 -24.04
N ARG E 90 -9.46 -11.00 -23.15
CA ARG E 90 -9.04 -9.62 -22.85
C ARG E 90 -7.59 -9.58 -22.32
N VAL E 91 -7.27 -10.43 -21.31
CA VAL E 91 -5.94 -10.51 -20.70
C VAL E 91 -4.89 -10.86 -21.76
N ALA E 92 -5.18 -11.88 -22.61
CA ALA E 92 -4.25 -12.26 -23.67
C ALA E 92 -4.03 -11.10 -24.66
N ALA E 93 -5.10 -10.43 -25.14
CA ALA E 93 -4.97 -9.36 -26.14
C ALA E 93 -4.12 -8.20 -25.55
N GLU E 94 -4.38 -7.84 -24.29
CA GLU E 94 -3.59 -6.78 -23.62
C GLU E 94 -2.14 -7.19 -23.42
N CYS E 95 -1.90 -8.47 -23.04
CA CYS E 95 -0.56 -9.03 -22.88
C CYS E 95 0.21 -8.94 -24.21
N LEU E 96 -0.47 -9.25 -25.33
CA LEU E 96 0.17 -9.20 -26.65
C LEU E 96 0.58 -7.77 -27.00
N ARG E 97 -0.26 -6.77 -26.65
CA ARG E 97 0.08 -5.36 -26.87
C ARG E 97 1.34 -5.00 -26.06
N ARG E 98 1.39 -5.40 -24.79
CA ARG E 98 2.53 -5.12 -23.90
C ARG E 98 3.83 -5.79 -24.36
N SER E 99 3.71 -6.90 -25.12
CA SER E 99 4.83 -7.70 -25.65
C SER E 99 5.29 -7.20 -27.04
N LEU E 100 4.63 -6.17 -27.61
CA LEU E 100 4.95 -5.64 -28.94
C LEU E 100 6.41 -5.23 -29.14
N SER E 101 7.03 -4.66 -28.08
CA SER E 101 8.44 -4.21 -28.14
C SER E 101 9.41 -5.34 -28.46
N THR E 102 9.07 -6.63 -28.12
CA THR E 102 9.94 -7.77 -28.43
C THR E 102 9.36 -8.75 -29.49
N TYR E 103 8.28 -8.34 -30.17
CA TYR E 103 7.70 -9.18 -31.24
C TYR E 103 8.77 -9.38 -32.34
N LYS E 104 9.02 -10.64 -32.73
CA LYS E 104 9.99 -10.99 -33.77
C LYS E 104 9.31 -11.58 -34.98
N TYR E 105 9.47 -10.93 -36.15
CA TYR E 105 8.93 -11.44 -37.41
C TYR E 105 9.48 -12.83 -37.72
N GLY E 106 10.67 -13.15 -37.23
CA GLY E 106 11.30 -14.46 -37.36
C GLY E 106 10.61 -15.58 -36.63
N TYR E 107 9.71 -15.25 -35.66
CA TYR E 107 8.95 -16.28 -34.92
C TYR E 107 7.54 -16.48 -35.49
N MET E 108 7.14 -15.67 -36.47
CA MET E 108 5.83 -15.63 -37.11
C MET E 108 5.28 -16.98 -37.53
N PHE E 109 6.08 -17.74 -38.32
CA PHE E 109 5.66 -19.07 -38.82
C PHE E 109 6.67 -20.01 -38.21
N TYR E 110 6.52 -20.24 -36.91
CA TYR E 110 7.50 -21.02 -36.17
C TYR E 110 7.27 -22.53 -36.33
N PRO E 111 8.30 -23.30 -36.71
CA PRO E 111 8.08 -24.75 -36.90
C PRO E 111 7.97 -25.52 -35.60
N ASP E 112 7.04 -26.51 -35.57
CA ASP E 112 6.81 -27.40 -34.43
C ASP E 112 8.08 -28.18 -34.03
N SER E 113 8.97 -28.42 -34.99
CA SER E 113 10.24 -29.13 -34.80
C SER E 113 11.18 -28.37 -33.86
N ARG E 114 10.97 -27.05 -33.69
CA ARG E 114 11.77 -26.21 -32.79
C ARG E 114 11.11 -26.06 -31.41
N CYS E 115 10.02 -26.80 -31.17
CA CYS E 115 9.24 -26.80 -29.93
C CYS E 115 9.24 -28.21 -29.32
N ARG E 116 10.34 -28.95 -29.49
CA ARG E 116 10.41 -30.34 -29.05
C ARG E 116 10.85 -30.54 -27.60
N GLY E 117 11.22 -29.46 -26.91
CA GLY E 117 11.65 -29.50 -25.51
C GLY E 117 10.56 -29.92 -24.53
N PRO E 118 10.87 -30.09 -23.22
CA PRO E 118 9.81 -30.44 -22.26
C PRO E 118 8.74 -29.34 -22.20
N SER E 119 7.46 -29.74 -22.20
CA SER E 119 6.34 -28.80 -22.18
C SER E 119 6.16 -28.17 -20.81
N GLU E 120 6.06 -26.82 -20.77
CA GLU E 120 5.87 -26.08 -19.52
C GLU E 120 4.49 -26.40 -18.90
N THR E 121 4.46 -26.50 -17.56
CA THR E 121 3.26 -26.78 -16.78
C THR E 121 2.51 -25.47 -16.55
N CYS E 122 1.17 -25.53 -16.65
CA CYS E 122 0.28 -24.37 -16.43
C CYS E 122 0.34 -23.88 -14.98
N HIS F 1 35.11 -10.89 8.97
CA HIS F 1 35.23 -11.42 10.32
C HIS F 1 33.83 -11.40 10.92
N LEU F 2 33.49 -12.43 11.69
CA LEU F 2 32.21 -12.56 12.40
C LEU F 2 31.78 -11.29 13.14
N LEU F 3 32.71 -10.58 13.81
CA LEU F 3 32.35 -9.35 14.54
C LEU F 3 31.89 -8.22 13.60
N GLN F 4 32.44 -8.18 12.39
CA GLN F 4 32.05 -7.22 11.35
C GLN F 4 30.66 -7.61 10.81
N PHE F 5 30.42 -8.91 10.58
CA PHE F 5 29.12 -9.41 10.12
C PHE F 5 28.06 -9.04 11.17
N ASN F 6 28.40 -9.19 12.45
CA ASN F 6 27.45 -8.84 13.52
C ASN F 6 27.13 -7.34 13.54
N LYS F 7 28.12 -6.49 13.22
CA LYS F 7 27.89 -5.04 13.13
C LYS F 7 27.00 -4.71 11.92
N MET F 8 27.19 -5.41 10.79
CA MET F 8 26.32 -5.25 9.59
C MET F 8 24.87 -5.65 9.95
N ILE F 9 24.69 -6.78 10.67
CA ILE F 9 23.37 -7.25 11.09
C ILE F 9 22.68 -6.18 11.94
N LYS F 10 23.40 -5.63 12.92
CA LYS F 10 22.88 -4.57 13.78
C LYS F 10 22.49 -3.32 12.98
N PHE F 11 23.35 -2.93 12.04
CA PHE F 11 23.12 -1.76 11.25
C PHE F 11 21.83 -1.92 10.42
N GLU F 12 21.69 -3.04 9.73
CA GLU F 12 20.52 -3.27 8.85
C GLU F 12 19.24 -3.58 9.60
N THR F 13 19.29 -4.54 10.54
CA THR F 13 18.07 -5.03 11.21
C THR F 13 17.67 -4.18 12.39
N ARG F 14 18.61 -3.37 12.94
CA ARG F 14 18.43 -2.57 14.16
C ARG F 14 18.35 -3.49 15.41
N LYS F 15 18.71 -4.78 15.27
CA LYS F 15 18.75 -5.73 16.42
C LYS F 15 20.17 -6.25 16.55
N ASN F 16 20.62 -6.52 17.79
CA ASN F 16 21.94 -7.14 18.00
C ASN F 16 21.88 -8.60 17.54
N ALA F 17 22.91 -9.08 16.82
CA ALA F 17 22.95 -10.47 16.34
C ALA F 17 22.79 -11.45 17.50
N ILE F 18 23.40 -11.14 18.65
CA ILE F 18 23.22 -11.90 19.89
C ILE F 18 22.32 -11.00 20.76
N PRO F 19 21.10 -11.42 21.10
CA PRO F 19 20.50 -12.75 20.91
C PRO F 19 19.56 -12.94 19.73
N PHE F 20 19.23 -11.88 18.98
CA PHE F 20 18.16 -11.92 17.99
C PHE F 20 18.36 -12.81 16.75
N TYR F 21 19.60 -13.05 16.31
CA TYR F 21 19.81 -13.86 15.11
C TYR F 21 20.74 -15.05 15.28
N ALA F 22 21.55 -15.09 16.35
CA ALA F 22 22.56 -16.14 16.53
C ALA F 22 22.01 -17.57 16.71
N PHE F 23 20.75 -17.73 17.12
CA PHE F 23 20.12 -19.03 17.39
C PHE F 23 18.76 -19.18 16.72
N TYR F 24 18.47 -18.28 15.78
CA TYR F 24 17.17 -18.22 15.12
C TYR F 24 16.94 -19.39 14.15
N GLY F 25 15.75 -19.98 14.25
CA GLY F 25 15.31 -21.05 13.35
C GLY F 25 16.27 -22.21 13.25
N CYS F 26 16.40 -22.78 12.05
CA CYS F 26 17.27 -23.93 11.81
C CYS F 26 18.66 -23.59 11.29
N TYR F 27 18.87 -22.43 10.63
CA TYR F 27 20.14 -22.09 10.02
C TYR F 27 20.86 -20.84 10.55
N CYS F 28 20.19 -19.95 11.29
CA CYS F 28 20.92 -18.76 11.76
C CYS F 28 21.98 -19.10 12.80
N GLY F 29 23.14 -18.46 12.68
CA GLY F 29 24.28 -18.75 13.54
C GLY F 29 25.13 -19.86 12.92
N TRP F 30 25.96 -20.51 13.74
CA TRP F 30 26.84 -21.56 13.25
C TRP F 30 26.14 -22.88 13.03
N GLY F 31 26.44 -23.49 11.89
CA GLY F 31 25.83 -24.74 11.48
C GLY F 31 24.38 -24.57 11.05
N GLY F 32 23.70 -25.68 10.97
CA GLY F 32 22.29 -25.67 10.57
C GLY F 32 21.93 -26.91 9.80
N ARG F 33 20.76 -27.44 10.10
CA ARG F 33 20.25 -28.65 9.47
C ARG F 33 18.75 -28.50 9.23
N GLY F 34 18.19 -29.41 8.44
CA GLY F 34 16.77 -29.43 8.15
C GLY F 34 16.37 -28.40 7.12
N ARG F 35 15.13 -27.91 7.25
CA ARG F 35 14.57 -26.93 6.31
C ARG F 35 14.46 -25.53 6.92
N PRO F 36 14.85 -24.46 6.17
CA PRO F 36 14.66 -23.09 6.69
C PRO F 36 13.19 -22.85 7.04
N LYS F 37 12.93 -22.33 8.24
CA LYS F 37 11.58 -22.14 8.77
C LYS F 37 10.80 -20.97 8.18
N ASP F 38 11.48 -19.91 7.75
CA ASP F 38 10.85 -18.69 7.21
C ASP F 38 11.86 -17.87 6.39
N ALA F 39 11.51 -16.62 6.00
CA ALA F 39 12.39 -15.74 5.21
C ALA F 39 13.72 -15.44 5.94
N THR F 40 13.65 -15.07 7.23
CA THR F 40 14.85 -14.78 8.05
C THR F 40 15.78 -15.99 8.03
N ASP F 41 15.23 -17.18 8.33
CA ASP F 41 16.00 -18.43 8.34
C ASP F 41 16.62 -18.74 6.98
N ARG F 42 15.87 -18.44 5.89
CA ARG F 42 16.36 -18.62 4.53
C ARG F 42 17.57 -17.71 4.23
N CYS F 43 17.61 -16.45 4.76
CA CYS F 43 18.78 -15.55 4.60
C CYS F 43 20.02 -16.28 5.16
N CYS F 44 19.89 -16.88 6.35
CA CYS F 44 20.97 -17.58 7.04
C CYS F 44 21.41 -18.84 6.29
N PHE F 45 20.44 -19.57 5.70
CA PHE F 45 20.70 -20.75 4.88
C PHE F 45 21.54 -20.34 3.66
N VAL F 46 21.12 -19.27 2.95
CA VAL F 46 21.84 -18.73 1.79
C VAL F 46 23.26 -18.27 2.20
N HIS F 47 23.39 -17.61 3.38
CA HIS F 47 24.70 -17.19 3.89
C HIS F 47 25.63 -18.40 4.09
N ASP F 48 25.13 -19.50 4.69
CA ASP F 48 25.87 -20.76 4.88
C ASP F 48 26.35 -21.30 3.52
N CYS F 49 25.47 -21.28 2.50
CA CYS F 49 25.77 -21.73 1.14
C CYS F 49 26.84 -20.85 0.49
N CYS F 50 26.73 -19.51 0.68
CA CYS F 50 27.67 -18.48 0.21
C CYS F 50 29.08 -18.78 0.76
N TYR F 51 29.18 -19.02 2.09
CA TYR F 51 30.44 -19.36 2.76
C TYR F 51 30.96 -20.73 2.26
N GLY F 52 30.03 -21.64 1.96
CA GLY F 52 30.34 -22.99 1.45
C GLY F 52 31.07 -22.98 0.12
N LYS F 53 30.88 -21.93 -0.69
CA LYS F 53 31.57 -21.74 -1.98
C LYS F 53 32.97 -21.13 -1.78
N LEU F 54 33.30 -20.75 -0.52
CA LEU F 54 34.57 -20.09 -0.18
C LEU F 54 35.44 -20.99 0.73
N ALA F 55 35.52 -22.30 0.41
CA ALA F 55 36.31 -23.27 1.20
C ALA F 55 37.81 -22.90 1.34
N LYS F 56 38.38 -22.18 0.35
CA LYS F 56 39.79 -21.77 0.40
C LYS F 56 40.01 -20.48 1.22
N CYS F 57 38.91 -19.86 1.72
CA CYS F 57 38.94 -18.61 2.50
C CYS F 57 38.70 -18.86 3.98
N ASN F 58 39.24 -17.97 4.83
CA ASN F 58 39.02 -18.00 6.28
C ASN F 58 37.74 -17.15 6.53
N THR F 59 36.60 -17.72 6.19
CA THR F 59 35.30 -17.03 6.23
C THR F 59 34.93 -16.41 7.57
N LYS F 60 35.21 -17.08 8.68
CA LYS F 60 34.77 -16.54 9.95
C LYS F 60 35.64 -15.42 10.48
N TRP F 61 36.93 -15.45 10.14
CA TRP F 61 37.87 -14.59 10.84
C TRP F 61 38.73 -13.69 9.99
N ASP F 62 38.57 -13.68 8.68
CA ASP F 62 39.35 -12.77 7.87
C ASP F 62 38.76 -11.34 7.99
N ILE F 63 39.57 -10.34 8.38
CA ILE F 63 39.10 -8.95 8.55
C ILE F 63 39.12 -8.22 7.21
N TYR F 64 37.94 -7.94 6.68
CA TYR F 64 37.80 -7.23 5.40
C TYR F 64 37.57 -5.72 5.61
N ARG F 65 37.53 -4.97 4.50
CA ARG F 65 37.26 -3.54 4.52
C ARG F 65 35.77 -3.29 4.15
N TYR F 66 35.06 -2.47 4.92
CA TYR F 66 33.67 -2.12 4.55
C TYR F 66 33.36 -0.75 5.11
N SER F 67 32.32 -0.11 4.58
CA SER F 67 31.92 1.21 5.05
C SER F 67 30.39 1.26 5.26
N LEU F 68 29.95 2.12 6.16
CA LEU F 68 28.52 2.39 6.42
C LEU F 68 28.14 3.82 5.96
N LYS F 69 29.10 4.54 5.38
CA LYS F 69 28.97 5.92 4.93
C LYS F 69 27.80 6.04 3.95
N SER F 70 26.97 7.07 4.15
CA SER F 70 25.77 7.36 3.32
C SER F 70 24.59 6.37 3.57
N GLY F 71 24.67 5.66 4.69
CA GLY F 71 23.57 4.84 5.17
C GLY F 71 23.33 3.49 4.56
N TYR F 72 24.34 2.89 3.96
CA TYR F 72 24.21 1.52 3.43
C TYR F 72 25.60 0.90 3.49
N ILE F 73 25.68 -0.43 3.40
CA ILE F 73 26.94 -1.17 3.49
C ILE F 73 27.60 -1.18 2.10
N THR F 74 28.89 -0.79 2.04
CA THR F 74 29.69 -0.91 0.81
C THR F 74 30.90 -1.74 1.17
N CYS F 75 31.17 -2.79 0.40
CA CYS F 75 32.39 -3.61 0.58
C CYS F 75 33.55 -2.94 -0.11
N GLY F 76 34.65 -2.77 0.60
CA GLY F 76 35.84 -2.15 0.08
C GLY F 76 36.71 -3.11 -0.70
N LYS F 77 37.79 -2.57 -1.27
CA LYS F 77 38.74 -3.38 -2.03
C LYS F 77 39.70 -4.11 -1.09
N GLY F 78 40.08 -5.31 -1.48
CA GLY F 78 41.04 -6.12 -0.74
C GLY F 78 41.45 -7.37 -1.49
N THR F 79 41.80 -8.44 -0.77
CA THR F 79 42.11 -9.73 -1.38
C THR F 79 40.79 -10.32 -1.93
N TRP F 80 40.89 -11.32 -2.81
CA TRP F 80 39.72 -11.99 -3.37
C TRP F 80 38.86 -12.53 -2.22
N CYS F 81 39.51 -13.19 -1.23
CA CYS F 81 38.81 -13.75 -0.08
C CYS F 81 38.08 -12.68 0.75
N GLU F 82 38.74 -11.56 1.08
CA GLU F 82 38.13 -10.47 1.86
C GLU F 82 36.87 -9.94 1.15
N GLU F 83 36.99 -9.65 -0.14
CA GLU F 83 35.87 -9.12 -0.94
C GLU F 83 34.68 -10.09 -1.00
N GLN F 84 34.97 -11.38 -1.19
CA GLN F 84 33.94 -12.42 -1.30
C GLN F 84 33.21 -12.66 0.02
N ILE F 85 33.95 -12.68 1.13
CA ILE F 85 33.38 -12.88 2.47
C ILE F 85 32.50 -11.64 2.77
N CYS F 86 33.03 -10.43 2.53
CA CYS F 86 32.29 -9.19 2.77
C CYS F 86 30.96 -9.21 2.01
N GLU F 87 31.01 -9.66 0.74
CA GLU F 87 29.81 -9.73 -0.10
C GLU F 87 28.76 -10.71 0.48
N CYS F 88 29.18 -11.89 0.99
CA CYS F 88 28.28 -12.84 1.65
C CYS F 88 27.59 -12.16 2.83
N ASP F 89 28.40 -11.50 3.69
CA ASP F 89 27.94 -10.84 4.91
C ASP F 89 26.96 -9.70 4.62
N ARG F 90 27.32 -8.83 3.66
CA ARG F 90 26.49 -7.69 3.25
C ARG F 90 25.12 -8.15 2.77
N VAL F 91 25.09 -9.13 1.86
CA VAL F 91 23.87 -9.67 1.28
C VAL F 91 22.96 -10.26 2.38
N ALA F 92 23.55 -11.05 3.29
CA ALA F 92 22.81 -11.63 4.40
C ALA F 92 22.23 -10.55 5.33
N ALA F 93 23.01 -9.51 5.71
CA ALA F 93 22.51 -8.46 6.61
C ALA F 93 21.34 -7.70 5.95
N GLU F 94 21.45 -7.40 4.65
CA GLU F 94 20.36 -6.71 3.92
C GLU F 94 19.13 -7.60 3.78
N CYS F 95 19.34 -8.91 3.53
CA CYS F 95 18.26 -9.91 3.44
C CYS F 95 17.51 -9.96 4.79
N LEU F 96 18.25 -9.95 5.92
CA LEU F 96 17.64 -10.01 7.25
C LEU F 96 16.76 -8.79 7.49
N ARG F 97 17.21 -7.60 7.03
CA ARG F 97 16.40 -6.39 7.17
C ARG F 97 15.08 -6.55 6.36
N ARG F 98 15.18 -7.04 5.13
CA ARG F 98 14.01 -7.23 4.26
C ARG F 98 13.04 -8.29 4.79
N SER F 99 13.54 -9.24 5.61
CA SER F 99 12.76 -10.32 6.24
C SER F 99 12.13 -9.90 7.59
N LEU F 100 12.36 -8.64 8.06
CA LEU F 100 11.82 -8.13 9.32
C LEU F 100 10.28 -8.21 9.40
N SER F 101 9.58 -8.06 8.24
CA SER F 101 8.11 -8.15 8.17
C SER F 101 7.57 -9.51 8.66
N THR F 102 8.38 -10.59 8.62
CA THR F 102 7.98 -11.91 9.11
C THR F 102 8.84 -12.44 10.28
N TYR F 103 9.74 -11.61 10.85
CA TYR F 103 10.59 -12.04 11.96
C TYR F 103 9.68 -12.50 13.13
N LYS F 104 9.96 -13.66 13.71
CA LYS F 104 9.17 -14.17 14.85
C LYS F 104 10.03 -14.33 16.06
N TYR F 105 9.70 -13.62 17.15
CA TYR F 105 10.42 -13.78 18.42
C TYR F 105 10.34 -15.24 18.93
N GLY F 106 9.29 -15.97 18.55
CA GLY F 106 9.12 -17.38 18.88
C GLY F 106 10.15 -18.31 18.24
N TYR F 107 10.85 -17.85 17.19
CA TYR F 107 11.90 -18.64 16.53
C TYR F 107 13.31 -18.29 17.03
N MET F 108 13.42 -17.28 17.91
CA MET F 108 14.68 -16.75 18.48
C MET F 108 15.66 -17.79 18.99
N PHE F 109 15.20 -18.67 19.90
CA PHE F 109 16.03 -19.74 20.46
C PHE F 109 15.35 -21.02 20.01
N TYR F 110 15.47 -21.31 18.72
CA TYR F 110 14.81 -22.45 18.14
C TYR F 110 15.54 -23.76 18.45
N PRO F 111 14.84 -24.78 18.98
CA PRO F 111 15.53 -26.03 19.32
C PRO F 111 15.92 -26.86 18.11
N ASP F 112 17.16 -27.43 18.14
CA ASP F 112 17.69 -28.30 17.09
C ASP F 112 16.81 -29.54 16.84
N SER F 113 16.06 -29.96 17.89
CA SER F 113 15.13 -31.09 17.85
C SER F 113 13.97 -30.86 16.87
N ARG F 114 13.67 -29.58 16.55
CA ARG F 114 12.61 -29.22 15.60
C ARG F 114 13.15 -29.01 14.18
N CYS F 115 14.43 -29.32 13.98
CA CYS F 115 15.14 -29.20 12.70
C CYS F 115 15.63 -30.59 12.24
N ARG F 116 14.85 -31.65 12.56
CA ARG F 116 15.20 -33.05 12.25
C ARG F 116 14.77 -33.57 10.87
N GLY F 117 14.19 -32.68 10.05
CA GLY F 117 13.74 -33.02 8.69
C GLY F 117 14.87 -33.15 7.70
N PRO F 118 14.60 -33.53 6.42
CA PRO F 118 15.69 -33.60 5.44
C PRO F 118 16.34 -32.24 5.22
N SER F 119 17.67 -32.19 5.20
CA SER F 119 18.42 -30.93 5.02
C SER F 119 18.35 -30.43 3.59
N GLU F 120 18.04 -29.14 3.41
CA GLU F 120 17.96 -28.52 2.08
C GLU F 120 19.33 -28.42 1.42
N THR F 121 19.37 -28.67 0.11
CA THR F 121 20.58 -28.62 -0.73
C THR F 121 20.82 -27.17 -1.15
N CYS F 122 22.10 -26.75 -1.13
CA CYS F 122 22.53 -25.42 -1.52
C CYS F 122 22.30 -25.15 -3.00
#